data_7UNZ
#
_entry.id   7UNZ
#
_cell.length_a   118.967
_cell.length_b   190.428
_cell.length_c   56.036
_cell.angle_alpha   90.000
_cell.angle_beta   90.000
_cell.angle_gamma   90.000
#
_symmetry.space_group_name_H-M   'P 21 21 2'
#
loop_
_entity.id
_entity.type
_entity.pdbx_description
1 polymer 'Cysteine-rich small secreted protein CSS, putative'
2 polymer 'H2 Nanobody'
3 branched 2-acetamido-2-deoxy-beta-D-glucopyranose-(1-4)-2-acetamido-2-deoxy-beta-D-glucopyranose
4 branched beta-D-mannopyranose-(1-4)-2-acetamido-2-deoxy-beta-D-glucopyranose-(1-4)-2-acetamido-2-deoxy-beta-D-glucopyranose
5 non-polymer 2-acetamido-2-deoxy-beta-D-glucopyranose
6 non-polymer 'MALONATE ION'
7 non-polymer 1,2-ETHANEDIOL
8 water water
#
loop_
_entity_poly.entity_id
_entity_poly.type
_entity_poly.pdbx_seq_one_letter_code
_entity_poly.pdbx_strand_id
1 'polypeptide(L)'
;GTQDEKSVKNI(CSD)VCDFTDKLNFLPLEKTKILCELKPQYGEDIKIIANKEYEINCMNNSKVFCPLKDTFINNTNIKL
YSPKLHFEIKDITHKGKNAALYYLKIDEEASDIFFSCSIKPKQVSGLLEGEVRVNLKKHINEEYSIFNEEEDVHVCDFSK
GNLDITPSAGFYLKNSRNVSCIYRVIPNKLFLIKLPKLDIVTEKLLPSIVNCLSEFSFINFTLKHVQEGDNYISFNVIFG
EFKKHFNLACSLDLSDFQQEPCNLGKTANITFIFSKLENLYFQ
;
B,D
2 'polypeptide(L)'
;QVQLQESGGGLVQPGGSLRLSCAASGSIFSTNAMGWYRQAPGKQREQVATITSGSSTNYADSVKGRFTISRDNAKNTVYL
QMNSLKPEDTAVYYCNAAGATIDLADFGSWGQGTQVTVSSHHHHHH
;
C,A
#
# COMPACT_ATOMS: atom_id res chain seq x y z
N LYS A 9 27.20 -27.83 4.91
CA LYS A 9 27.81 -26.63 4.34
C LYS A 9 29.32 -26.70 4.36
N ASN A 10 29.95 -26.19 3.31
CA ASN A 10 31.40 -26.06 3.30
C ASN A 10 31.80 -24.82 4.10
N ILE A 11 33.06 -24.77 4.50
CA ILE A 11 33.54 -23.67 5.34
C ILE A 11 34.83 -23.06 4.81
N VAL A 13 38.00 -20.84 5.58
CA VAL A 13 38.79 -20.58 6.77
C VAL A 13 39.96 -19.64 6.51
N CYS A 14 40.10 -18.62 7.35
CA CYS A 14 41.30 -17.79 7.43
C CYS A 14 41.93 -18.05 8.80
N ASP A 15 43.02 -18.83 8.82
CA ASP A 15 43.70 -19.23 10.05
C ASP A 15 45.03 -18.48 10.13
N PHE A 16 45.07 -17.45 10.99
CA PHE A 16 46.27 -16.66 11.20
C PHE A 16 47.12 -17.17 12.37
N THR A 17 46.76 -18.30 12.97
CA THR A 17 47.44 -18.78 14.16
C THR A 17 48.94 -18.98 13.89
N ASP A 18 49.76 -18.34 14.72
CA ASP A 18 51.22 -18.46 14.66
C ASP A 18 51.77 -18.00 13.31
N LYS A 19 51.11 -17.02 12.69
CA LYS A 19 51.60 -16.43 11.45
C LYS A 19 51.72 -14.92 11.52
N LEU A 20 51.42 -14.31 12.65
CA LEU A 20 51.65 -12.90 12.88
C LEU A 20 52.60 -12.73 14.06
N ASN A 21 53.65 -13.54 14.09
CA ASN A 21 54.52 -13.71 15.25
C ASN A 21 55.94 -13.23 14.97
N PHE A 22 56.09 -12.21 14.14
CA PHE A 22 57.41 -11.71 13.81
C PHE A 22 57.41 -10.20 13.71
N LEU A 23 58.59 -9.61 13.91
CA LEU A 23 58.79 -8.18 13.71
C LEU A 23 59.29 -7.96 12.29
N PRO A 24 58.51 -7.38 11.39
CA PRO A 24 58.98 -7.15 10.02
C PRO A 24 59.89 -5.94 9.94
N LEU A 25 60.63 -5.90 8.82
CA LEU A 25 61.49 -4.74 8.55
C LEU A 25 60.68 -3.53 8.14
N GLU A 26 59.66 -3.73 7.30
CA GLU A 26 58.78 -2.67 6.84
C GLU A 26 57.34 -3.11 7.08
N LYS A 27 56.41 -2.16 6.92
CA LYS A 27 55.01 -2.46 7.13
C LYS A 27 54.56 -3.62 6.26
N THR A 28 53.86 -4.58 6.87
CA THR A 28 53.51 -5.83 6.22
C THR A 28 52.07 -6.16 6.53
N LYS A 29 51.31 -6.54 5.50
CA LYS A 29 49.93 -6.98 5.66
C LYS A 29 49.81 -8.40 5.10
N ILE A 30 49.24 -9.29 5.90
CA ILE A 30 48.94 -10.65 5.46
C ILE A 30 47.44 -10.74 5.25
N LEU A 31 47.04 -11.02 4.01
CA LEU A 31 45.68 -10.80 3.56
C LEU A 31 45.00 -12.12 3.21
N CYS A 32 43.77 -12.29 3.69
CA CYS A 32 42.94 -13.45 3.37
C CYS A 32 41.62 -12.94 2.80
N GLU A 33 41.40 -13.12 1.51
CA GLU A 33 40.19 -12.64 0.85
C GLU A 33 39.21 -13.79 0.66
N LEU A 34 37.97 -13.58 1.10
CA LEU A 34 36.93 -14.58 1.02
C LEU A 34 35.79 -14.05 0.15
N LYS A 35 35.34 -14.89 -0.78
CA LYS A 35 34.20 -14.60 -1.65
C LYS A 35 33.18 -15.72 -1.45
N PRO A 36 32.49 -15.74 -0.32
CA PRO A 36 31.59 -16.86 -0.02
C PRO A 36 30.42 -16.88 -1.00
N GLN A 37 30.13 -18.07 -1.52
CA GLN A 37 29.07 -18.20 -2.52
C GLN A 37 27.98 -19.15 -2.05
N TYR A 38 28.15 -20.43 -2.34
CA TYR A 38 27.09 -21.41 -2.19
C TYR A 38 26.74 -21.67 -0.72
N GLY A 39 26.15 -20.67 -0.06
CA GLY A 39 25.74 -20.81 1.33
C GLY A 39 26.85 -21.22 2.27
N GLU A 40 28.10 -20.88 1.96
CA GLU A 40 29.23 -21.31 2.76
C GLU A 40 29.35 -20.47 4.02
N ASP A 41 29.85 -21.10 5.08
CA ASP A 41 30.14 -20.41 6.33
C ASP A 41 31.61 -20.02 6.39
N ILE A 42 31.95 -19.16 7.35
CA ILE A 42 33.27 -18.55 7.42
C ILE A 42 33.81 -18.68 8.85
N LYS A 43 35.06 -19.11 8.97
CA LYS A 43 35.76 -19.17 10.25
C LYS A 43 37.05 -18.37 10.16
N ILE A 44 37.26 -17.48 11.10
CA ILE A 44 38.49 -16.71 11.23
C ILE A 44 39.13 -17.06 12.57
N ILE A 45 40.39 -17.49 12.53
CA ILE A 45 41.10 -17.99 13.70
C ILE A 45 42.41 -17.23 13.84
N ALA A 46 42.73 -16.83 15.08
CA ALA A 46 43.99 -16.16 15.38
C ALA A 46 44.30 -16.35 16.86
N ASN A 47 45.57 -16.14 17.20
CA ASN A 47 45.99 -16.24 18.59
C ASN A 47 45.21 -15.26 19.45
N LYS A 48 44.83 -15.71 20.65
CA LYS A 48 44.06 -14.88 21.57
C LYS A 48 44.78 -13.58 21.90
N GLU A 49 46.11 -13.60 21.98
CA GLU A 49 46.85 -12.40 22.36
C GLU A 49 46.84 -11.33 21.27
N TYR A 50 46.49 -11.69 20.04
CA TYR A 50 46.34 -10.68 18.99
C TYR A 50 45.12 -9.81 19.27
N GLU A 51 45.21 -8.54 18.88
CA GLU A 51 44.08 -7.63 18.96
C GLU A 51 43.25 -7.78 17.70
N ILE A 52 42.00 -8.21 17.86
CA ILE A 52 41.14 -8.58 16.74
C ILE A 52 39.90 -7.69 16.74
N ASN A 53 39.58 -7.13 15.58
CA ASN A 53 38.36 -6.33 15.37
C ASN A 53 37.61 -6.96 14.20
N CYS A 54 36.56 -7.71 14.50
CA CYS A 54 35.95 -8.57 13.49
C CYS A 54 34.48 -8.81 13.79
N MET A 55 33.64 -8.60 12.77
CA MET A 55 32.22 -8.92 12.76
C MET A 55 31.41 -7.98 13.65
N ASN A 56 31.62 -8.00 14.96
CA ASN A 56 30.97 -7.02 15.82
C ASN A 56 31.77 -5.74 15.92
N ASN A 57 32.87 -5.63 15.17
CA ASN A 57 33.73 -4.47 15.17
C ASN A 57 34.50 -4.44 13.86
N SER A 58 33.79 -4.51 12.74
CA SER A 58 34.40 -4.63 11.42
C SER A 58 34.31 -3.33 10.67
N LYS A 59 35.01 -3.29 9.53
CA LYS A 59 34.98 -2.18 8.60
C LYS A 59 34.09 -2.57 7.43
N VAL A 60 32.95 -1.89 7.28
CA VAL A 60 31.91 -2.30 6.33
C VAL A 60 31.77 -1.25 5.25
N PHE A 61 31.67 -1.70 4.00
CA PHE A 61 31.43 -0.79 2.89
C PHE A 61 29.97 -0.34 2.89
N CYS A 62 29.78 0.95 2.60
CA CYS A 62 28.46 1.59 2.62
C CYS A 62 28.19 2.12 1.22
N PRO A 63 27.49 1.36 0.37
CA PRO A 63 27.29 1.79 -1.01
C PRO A 63 26.60 3.14 -1.13
N LEU A 64 25.66 3.44 -0.23
CA LEU A 64 24.88 4.67 -0.34
C LEU A 64 25.78 5.90 -0.20
N LYS A 65 26.73 5.87 0.73
CA LYS A 65 27.65 6.98 0.94
C LYS A 65 28.98 6.77 0.24
N ASP A 66 29.19 5.60 -0.37
CA ASP A 66 30.41 5.28 -1.12
C ASP A 66 31.65 5.45 -0.24
N THR A 67 31.54 5.02 1.02
CA THR A 67 32.65 5.05 1.96
C THR A 67 32.62 3.77 2.80
N PHE A 68 33.59 3.65 3.70
CA PHE A 68 33.64 2.56 4.66
C PHE A 68 33.31 3.09 6.05
N ILE A 69 32.52 2.31 6.79
CA ILE A 69 32.19 2.61 8.18
C ILE A 69 33.06 1.73 9.06
N ASN A 70 33.82 2.36 9.96
CA ASN A 70 34.73 1.64 10.84
C ASN A 70 34.03 1.27 12.14
N ASN A 71 34.52 0.20 12.77
CA ASN A 71 34.14 -0.17 14.12
C ASN A 71 32.63 -0.36 14.25
N THR A 72 32.08 -1.20 13.38
CA THR A 72 30.64 -1.39 13.32
C THR A 72 30.30 -2.87 13.22
N ASN A 73 29.08 -3.20 13.60
CA ASN A 73 28.59 -4.57 13.59
C ASN A 73 28.00 -4.88 12.21
N ILE A 74 28.45 -6.00 11.62
CA ILE A 74 27.98 -6.37 10.29
C ILE A 74 26.48 -6.62 10.26
N LYS A 75 25.87 -6.90 11.42
CA LYS A 75 24.43 -7.14 11.46
C LYS A 75 23.63 -5.87 11.18
N LEU A 76 24.23 -4.69 11.35
CA LEU A 76 23.56 -3.43 11.03
C LEU A 76 23.30 -3.30 9.53
N TYR A 77 24.01 -4.05 8.70
CA TYR A 77 23.94 -3.91 7.26
C TYR A 77 23.47 -5.17 6.54
N SER A 78 23.63 -6.33 7.15
CA SER A 78 23.06 -7.59 6.65
C SER A 78 22.42 -8.26 7.86
N PRO A 79 21.16 -7.94 8.16
CA PRO A 79 20.59 -8.32 9.46
C PRO A 79 20.39 -9.81 9.65
N LYS A 80 20.33 -10.60 8.57
CA LYS A 80 20.12 -12.03 8.71
C LYS A 80 21.40 -12.80 8.97
N LEU A 81 22.55 -12.14 8.95
CA LEU A 81 23.78 -12.79 9.36
C LEU A 81 23.78 -12.98 10.88
N HIS A 82 24.40 -14.07 11.32
CA HIS A 82 24.63 -14.30 12.74
C HIS A 82 26.00 -14.93 12.91
N PHE A 83 26.70 -14.52 13.97
CA PHE A 83 28.04 -14.98 14.23
C PHE A 83 28.22 -15.20 15.73
N GLU A 84 29.21 -16.04 16.06
CA GLU A 84 29.61 -16.24 17.44
C GLU A 84 31.12 -16.11 17.55
N ILE A 85 31.56 -15.61 18.70
CA ILE A 85 32.97 -15.35 18.97
C ILE A 85 33.33 -16.14 20.23
N LYS A 86 34.20 -17.12 20.09
CA LYS A 86 34.55 -18.02 21.17
C LYS A 86 36.05 -18.07 21.37
N ASP A 87 36.46 -18.39 22.59
CA ASP A 87 37.83 -18.79 22.87
C ASP A 87 37.93 -20.31 22.70
N ILE A 88 38.92 -20.75 21.91
CA ILE A 88 39.14 -22.16 21.66
C ILE A 88 40.62 -22.45 21.79
N THR A 89 40.95 -23.74 21.90
CA THR A 89 42.31 -24.21 21.78
C THR A 89 42.53 -24.75 20.37
N HIS A 90 43.59 -24.29 19.71
CA HIS A 90 43.79 -24.57 18.30
C HIS A 90 45.28 -24.60 18.01
N LYS A 91 45.75 -25.69 17.42
CA LYS A 91 47.17 -25.90 17.11
C LYS A 91 48.04 -25.76 18.37
N GLY A 92 47.50 -26.19 19.51
CA GLY A 92 48.24 -26.10 20.76
C GLY A 92 48.30 -24.73 21.38
N LYS A 93 47.55 -23.76 20.85
CA LYS A 93 47.55 -22.40 21.36
C LYS A 93 46.16 -22.01 21.83
N ASN A 94 46.11 -21.01 22.69
CA ASN A 94 44.85 -20.35 23.03
C ASN A 94 44.50 -19.38 21.91
N ALA A 95 43.38 -19.63 21.24
CA ALA A 95 43.00 -18.87 20.05
C ALA A 95 41.57 -18.39 20.17
N ALA A 96 41.23 -17.40 19.35
CA ALA A 96 39.88 -16.89 19.23
C ALA A 96 39.28 -17.36 17.92
N LEU A 97 38.00 -17.75 17.96
CA LEU A 97 37.28 -18.23 16.80
C LEU A 97 36.15 -17.26 16.49
N TYR A 98 36.12 -16.75 15.26
CA TYR A 98 35.03 -15.93 14.76
C TYR A 98 34.31 -16.75 13.71
N TYR A 99 33.08 -17.16 14.02
CA TYR A 99 32.34 -18.14 13.24
C TYR A 99 31.07 -17.47 12.70
N LEU A 100 31.06 -17.18 11.40
CA LEU A 100 29.95 -16.49 10.75
C LEU A 100 29.17 -17.49 9.89
N LYS A 101 27.87 -17.60 10.14
CA LYS A 101 27.00 -18.49 9.37
C LYS A 101 26.16 -17.65 8.42
N ILE A 102 26.16 -18.01 7.14
CA ILE A 102 25.52 -17.23 6.09
C ILE A 102 24.34 -18.04 5.56
N ASP A 103 23.13 -17.64 5.95
CA ASP A 103 21.94 -18.32 5.46
C ASP A 103 21.66 -17.92 4.02
N GLU A 104 20.79 -18.70 3.37
CA GLU A 104 20.52 -18.51 1.94
C GLU A 104 19.93 -17.14 1.65
N GLU A 105 19.11 -16.62 2.56
CA GLU A 105 18.42 -15.35 2.33
C GLU A 105 19.15 -14.15 2.89
N ALA A 106 20.39 -14.31 3.36
CA ALA A 106 21.15 -13.18 3.86
C ALA A 106 21.52 -12.26 2.71
N SER A 107 21.45 -10.95 2.96
CA SER A 107 21.70 -9.96 1.93
C SER A 107 23.19 -9.64 1.82
N ASP A 108 23.56 -9.03 0.70
CA ASP A 108 24.97 -8.84 0.35
C ASP A 108 25.63 -7.84 1.29
N ILE A 109 26.95 -8.00 1.45
CA ILE A 109 27.73 -7.14 2.33
C ILE A 109 29.20 -7.32 1.99
N PHE A 110 29.99 -6.26 2.21
CA PHE A 110 31.43 -6.26 2.00
C PHE A 110 32.07 -5.68 3.25
N PHE A 111 32.77 -6.51 4.01
CA PHE A 111 33.40 -6.06 5.25
C PHE A 111 34.78 -6.67 5.38
N SER A 112 35.56 -6.09 6.29
CA SER A 112 36.92 -6.54 6.55
C SER A 112 37.15 -6.63 8.04
N CYS A 113 38.10 -7.50 8.42
CA CYS A 113 38.51 -7.68 9.80
C CYS A 113 40.00 -7.42 9.90
N SER A 114 40.43 -6.84 11.03
CA SER A 114 41.84 -6.56 11.29
C SER A 114 42.33 -7.42 12.45
N ILE A 115 43.57 -7.88 12.34
CA ILE A 115 44.23 -8.68 13.36
C ILE A 115 45.62 -8.10 13.56
N LYS A 116 45.86 -7.47 14.70
CA LYS A 116 47.10 -6.76 14.96
C LYS A 116 47.83 -7.38 16.15
N PRO A 117 49.04 -7.93 15.97
CA PRO A 117 49.83 -8.33 17.12
C PRO A 117 50.37 -7.11 17.85
N LYS A 118 50.77 -7.33 19.10
CA LYS A 118 51.35 -6.27 19.91
C LYS A 118 52.87 -6.27 19.81
N GLN A 119 53.45 -5.11 20.12
CA GLN A 119 54.90 -4.93 20.25
C GLN A 119 55.63 -5.20 18.94
N VAL A 120 54.98 -4.94 17.81
CA VAL A 120 55.62 -4.92 16.52
C VAL A 120 55.65 -3.50 15.94
N SER A 121 55.41 -2.50 16.79
CA SER A 121 55.29 -1.10 16.38
C SER A 121 54.29 -0.92 15.25
N GLY A 122 53.22 -1.70 15.30
CA GLY A 122 52.18 -1.59 14.28
C GLY A 122 52.60 -1.97 12.89
N LEU A 123 53.75 -2.63 12.72
CA LEU A 123 54.28 -2.92 11.39
C LEU A 123 53.66 -4.17 10.77
N LEU A 124 52.98 -5.01 11.54
CA LEU A 124 52.43 -6.26 11.04
C LEU A 124 50.95 -6.33 11.38
N GLU A 125 50.13 -6.59 10.36
N GLU A 125 50.13 -6.61 10.37
CA GLU A 125 48.70 -6.74 10.53
CA GLU A 125 48.69 -6.73 10.57
C GLU A 125 48.21 -7.89 9.66
C GLU A 125 48.14 -7.81 9.65
N GLY A 126 47.20 -8.60 10.17
CA GLY A 126 46.47 -9.55 9.37
C GLY A 126 45.14 -8.94 9.00
N GLU A 127 44.62 -9.30 7.82
CA GLU A 127 43.37 -8.74 7.36
C GLU A 127 42.55 -9.79 6.63
N VAL A 128 41.27 -9.89 6.96
CA VAL A 128 40.31 -10.71 6.25
C VAL A 128 39.37 -9.78 5.51
N ARG A 129 39.10 -10.09 4.24
CA ARG A 129 38.13 -9.36 3.44
C ARG A 129 37.05 -10.33 2.99
N VAL A 130 35.82 -10.07 3.40
CA VAL A 130 34.67 -10.91 3.07
C VAL A 130 33.79 -10.14 2.12
N ASN A 131 33.66 -10.64 0.90
CA ASN A 131 32.83 -10.01 -0.13
C ASN A 131 31.69 -10.98 -0.45
N LEU A 132 30.52 -10.72 0.14
CA LEU A 132 29.32 -11.52 -0.09
C LEU A 132 28.45 -10.78 -1.09
N LYS A 133 28.28 -11.35 -2.28
CA LYS A 133 27.51 -10.72 -3.33
C LYS A 133 27.06 -11.79 -4.32
N LYS A 134 26.08 -11.42 -5.15
CA LYS A 134 25.62 -12.33 -6.18
C LYS A 134 26.64 -12.43 -7.31
N HIS A 135 26.71 -13.61 -7.91
CA HIS A 135 27.61 -13.85 -9.02
C HIS A 135 26.92 -14.34 -10.28
N ILE A 136 25.67 -14.75 -10.20
CA ILE A 136 24.83 -15.03 -11.37
C ILE A 136 23.90 -13.84 -11.55
N ASN A 137 24.01 -13.15 -12.69
CA ASN A 137 23.17 -11.99 -12.95
C ASN A 137 22.26 -12.18 -14.15
N GLU A 138 22.14 -13.39 -14.68
CA GLU A 138 21.26 -13.65 -15.81
C GLU A 138 20.69 -15.04 -15.68
N GLU A 139 19.36 -15.15 -15.79
CA GLU A 139 18.68 -16.43 -15.72
C GLU A 139 17.50 -16.43 -16.70
N TYR A 140 17.05 -17.63 -17.05
CA TYR A 140 15.76 -17.78 -17.71
C TYR A 140 14.65 -17.86 -16.67
N SER A 141 13.44 -17.52 -17.10
CA SER A 141 12.27 -17.62 -16.23
C SER A 141 12.10 -19.07 -15.79
N ILE A 142 11.45 -19.24 -14.63
CA ILE A 142 11.27 -20.56 -14.03
C ILE A 142 9.78 -20.89 -14.02
N PHE A 143 9.43 -22.06 -14.54
CA PHE A 143 8.05 -22.52 -14.58
C PHE A 143 7.64 -23.10 -13.24
N ASN A 144 6.57 -22.57 -12.66
CA ASN A 144 5.97 -23.12 -11.45
C ASN A 144 4.83 -24.03 -11.88
N GLU A 145 5.05 -25.34 -11.79
CA GLU A 145 4.05 -26.29 -12.29
C GLU A 145 2.79 -26.30 -11.45
N GLU A 146 2.90 -26.04 -10.14
CA GLU A 146 1.73 -26.08 -9.28
C GLU A 146 0.79 -24.90 -9.57
N GLU A 147 1.37 -23.73 -9.85
CA GLU A 147 0.56 -22.56 -10.20
C GLU A 147 0.38 -22.40 -11.71
N ASP A 148 1.08 -23.19 -12.52
CA ASP A 148 0.99 -23.13 -13.98
C ASP A 148 1.33 -21.71 -14.47
N VAL A 149 2.49 -21.22 -14.03
CA VAL A 149 2.89 -19.85 -14.34
C VAL A 149 4.40 -19.80 -14.49
N HIS A 150 4.86 -18.95 -15.40
CA HIS A 150 6.28 -18.65 -15.53
CA HIS A 150 6.27 -18.64 -15.55
C HIS A 150 6.61 -17.40 -14.72
N VAL A 151 7.72 -17.45 -13.99
CA VAL A 151 8.07 -16.42 -13.02
C VAL A 151 9.45 -15.85 -13.33
N CYS A 152 9.55 -14.53 -13.31
CA CYS A 152 10.81 -13.81 -13.20
C CYS A 152 10.85 -13.18 -11.82
N ASP A 153 11.69 -13.71 -10.94
CA ASP A 153 11.67 -13.34 -9.51
C ASP A 153 12.81 -12.35 -9.24
N PHE A 154 12.45 -11.07 -9.10
CA PHE A 154 13.39 -10.03 -8.71
C PHE A 154 13.24 -9.63 -7.25
N SER A 155 12.59 -10.46 -6.43
CA SER A 155 12.38 -10.14 -5.03
C SER A 155 13.30 -10.92 -4.09
N LYS A 156 14.04 -11.89 -4.61
CA LYS A 156 14.95 -12.70 -3.81
C LYS A 156 15.85 -13.49 -4.75
N GLY A 157 16.86 -14.14 -4.17
CA GLY A 157 17.75 -14.97 -4.96
C GLY A 157 18.70 -14.15 -5.81
N ASN A 158 19.13 -14.75 -6.93
CA ASN A 158 20.20 -14.18 -7.73
C ASN A 158 19.80 -12.84 -8.34
N LEU A 159 18.54 -12.71 -8.77
CA LEU A 159 18.08 -11.52 -9.47
C LEU A 159 17.42 -10.51 -8.53
N ASP A 160 17.65 -10.64 -7.22
CA ASP A 160 17.05 -9.73 -6.25
C ASP A 160 17.49 -8.29 -6.51
N ILE A 161 16.51 -7.39 -6.62
CA ILE A 161 16.80 -5.96 -6.78
C ILE A 161 16.50 -5.19 -5.50
N THR A 162 16.16 -5.87 -4.42
CA THR A 162 15.94 -5.20 -3.13
C THR A 162 17.19 -4.41 -2.75
N PRO A 163 17.05 -3.20 -2.23
CA PRO A 163 18.22 -2.45 -1.76
C PRO A 163 19.04 -3.25 -0.75
N SER A 164 20.36 -3.25 -0.95
CA SER A 164 21.27 -3.96 -0.07
C SER A 164 22.57 -3.20 0.02
N ALA A 165 23.44 -3.64 0.93
CA ALA A 165 24.76 -3.06 1.09
C ALA A 165 25.82 -3.74 0.24
N GLY A 166 25.43 -4.41 -0.84
CA GLY A 166 26.38 -5.15 -1.63
C GLY A 166 27.36 -4.22 -2.35
N PHE A 167 28.60 -4.65 -2.43
CA PHE A 167 29.64 -3.89 -3.12
C PHE A 167 29.50 -4.11 -4.61
N TYR A 168 28.75 -3.22 -5.26
CA TYR A 168 28.59 -3.23 -6.70
C TYR A 168 29.07 -1.90 -7.26
N LEU A 169 29.88 -1.96 -8.31
CA LEU A 169 30.29 -0.75 -8.99
C LEU A 169 29.14 -0.24 -9.86
N LYS A 170 29.23 1.04 -10.23
CA LYS A 170 28.08 1.75 -10.78
C LYS A 170 27.50 1.08 -12.01
N ASN A 171 28.34 0.45 -12.82
CA ASN A 171 27.90 -0.19 -14.06
C ASN A 171 27.58 -1.67 -13.90
N SER A 172 27.49 -2.18 -12.67
CA SER A 172 27.31 -3.61 -12.43
C SER A 172 26.08 -3.91 -11.59
N ARG A 173 25.04 -3.08 -11.70
CA ARG A 173 23.81 -3.29 -10.93
C ARG A 173 22.68 -3.86 -11.78
N ASN A 174 22.97 -4.37 -12.96
CA ASN A 174 21.95 -4.98 -13.82
C ASN A 174 21.81 -6.47 -13.53
N VAL A 175 20.56 -6.93 -13.43
CA VAL A 175 20.24 -8.35 -13.41
C VAL A 175 19.23 -8.60 -14.52
N SER A 176 19.26 -9.81 -15.08
CA SER A 176 18.50 -10.10 -16.28
C SER A 176 17.72 -11.40 -16.14
N CYS A 177 16.44 -11.36 -16.52
CA CYS A 177 15.60 -12.54 -16.63
C CYS A 177 15.05 -12.61 -18.04
N ILE A 178 15.09 -13.80 -18.64
CA ILE A 178 14.66 -14.01 -20.01
C ILE A 178 13.41 -14.88 -19.99
N TYR A 179 12.32 -14.37 -20.56
CA TYR A 179 11.07 -15.11 -20.65
C TYR A 179 10.75 -15.40 -22.11
N ARG A 180 10.80 -16.68 -22.48
CA ARG A 180 10.36 -17.13 -23.80
CA ARG A 180 10.36 -17.12 -23.80
C ARG A 180 8.84 -17.20 -23.78
N VAL A 181 8.19 -16.22 -24.42
CA VAL A 181 6.75 -16.02 -24.25
C VAL A 181 5.98 -17.24 -24.72
N ILE A 182 5.12 -17.75 -23.85
CA ILE A 182 4.19 -18.83 -24.18
C ILE A 182 2.81 -18.22 -24.31
N PRO A 183 2.16 -18.35 -25.47
CA PRO A 183 0.85 -17.70 -25.66
C PRO A 183 -0.18 -18.20 -24.67
N ASN A 184 -1.00 -17.27 -24.17
CA ASN A 184 -2.16 -17.53 -23.32
C ASN A 184 -1.77 -18.05 -21.94
N LYS A 185 -0.52 -17.92 -21.54
CA LYS A 185 -0.08 -18.35 -20.23
C LYS A 185 0.16 -17.12 -19.35
N LEU A 186 -0.17 -17.26 -18.07
CA LEU A 186 0.08 -16.20 -17.11
C LEU A 186 1.58 -16.11 -16.82
N PHE A 187 2.09 -14.89 -16.73
CA PHE A 187 3.48 -14.63 -16.45
C PHE A 187 3.56 -13.66 -15.26
N LEU A 188 4.46 -13.96 -14.33
CA LEU A 188 4.57 -13.23 -13.08
C LEU A 188 5.93 -12.56 -12.97
N ILE A 189 5.93 -11.26 -12.68
CA ILE A 189 7.13 -10.51 -12.32
C ILE A 189 7.05 -10.21 -10.84
N LYS A 190 7.91 -10.82 -10.05
CA LYS A 190 7.93 -10.62 -8.60
C LYS A 190 8.97 -9.57 -8.22
N LEU A 191 8.56 -8.62 -7.40
CA LEU A 191 9.38 -7.45 -7.07
C LEU A 191 9.37 -7.23 -5.57
N PRO A 192 10.31 -6.44 -5.05
CA PRO A 192 10.32 -6.16 -3.61
C PRO A 192 9.04 -5.47 -3.16
N LYS A 193 8.73 -5.65 -1.88
CA LYS A 193 7.51 -5.08 -1.28
C LYS A 193 7.82 -3.65 -0.85
N LEU A 194 7.83 -2.74 -1.83
CA LEU A 194 8.15 -1.34 -1.61
C LEU A 194 7.14 -0.47 -2.35
N ASP A 195 6.86 0.71 -1.78
CA ASP A 195 5.90 1.61 -2.41
C ASP A 195 6.37 2.03 -3.80
N ILE A 196 7.68 2.20 -3.98
CA ILE A 196 8.22 2.62 -5.27
C ILE A 196 7.88 1.64 -6.39
N VAL A 197 7.62 0.38 -6.06
CA VAL A 197 7.35 -0.62 -7.08
C VAL A 197 6.06 -0.28 -7.83
N THR A 198 4.99 0.03 -7.10
CA THR A 198 3.75 0.38 -7.77
C THR A 198 3.75 1.83 -8.25
N GLU A 199 4.50 2.70 -7.58
CA GLU A 199 4.52 4.11 -7.97
C GLU A 199 5.23 4.32 -9.31
N LYS A 200 6.34 3.63 -9.53
CA LYS A 200 7.17 3.94 -10.69
C LYS A 200 7.49 2.71 -11.55
N LEU A 201 7.75 1.56 -10.94
CA LEU A 201 8.11 0.38 -11.72
C LEU A 201 6.93 -0.15 -12.50
N LEU A 202 5.74 -0.06 -11.92
CA LEU A 202 4.54 -0.47 -12.66
C LEU A 202 4.28 0.44 -13.85
N PRO A 203 4.32 1.77 -13.75
CA PRO A 203 4.34 2.59 -14.98
C PRO A 203 5.42 2.17 -15.97
N SER A 204 6.60 1.76 -15.48
CA SER A 204 7.68 1.38 -16.40
C SER A 204 7.31 0.17 -17.24
N ILE A 205 6.77 -0.87 -16.60
CA ILE A 205 6.41 -2.07 -17.37
C ILE A 205 5.23 -1.78 -18.29
N VAL A 206 4.30 -0.92 -17.86
CA VAL A 206 3.16 -0.58 -18.72
C VAL A 206 3.62 0.17 -19.95
N ASN A 207 4.50 1.16 -19.77
CA ASN A 207 4.99 1.92 -20.93
C ASN A 207 5.86 1.06 -21.83
N CYS A 208 6.61 0.13 -21.26
CA CYS A 208 7.42 -0.77 -22.08
C CYS A 208 6.54 -1.68 -22.94
N LEU A 209 5.53 -2.30 -22.33
CA LEU A 209 4.70 -3.27 -23.05
C LEU A 209 3.76 -2.60 -24.04
N SER A 210 3.32 -1.37 -23.76
CA SER A 210 2.38 -0.68 -24.63
C SER A 210 3.08 0.13 -25.72
N GLU A 211 4.41 0.23 -25.68
CA GLU A 211 5.10 1.07 -26.66
C GLU A 211 4.85 0.56 -28.08
N PHE A 212 4.89 -0.76 -28.27
CA PHE A 212 4.70 -1.34 -29.59
C PHE A 212 3.27 -1.87 -29.67
N SER A 213 2.49 -1.33 -30.60
CA SER A 213 1.06 -1.62 -30.63
C SER A 213 0.77 -3.08 -30.99
N PHE A 214 1.68 -3.72 -31.72
CA PHE A 214 1.45 -5.09 -32.18
C PHE A 214 1.69 -6.14 -31.10
N ILE A 215 2.17 -5.75 -29.92
CA ILE A 215 2.40 -6.70 -28.84
C ILE A 215 1.09 -6.87 -28.08
N ASN A 216 0.55 -8.08 -28.08
CA ASN A 216 -0.68 -8.35 -27.34
C ASN A 216 -0.35 -8.79 -25.93
N PHE A 217 -0.85 -8.03 -24.96
CA PHE A 217 -0.68 -8.34 -23.55
C PHE A 217 -1.95 -7.90 -22.82
N THR A 218 -2.17 -8.49 -21.65
CA THR A 218 -3.23 -8.08 -20.76
C THR A 218 -2.65 -8.05 -19.35
N LEU A 219 -2.72 -6.88 -18.71
CA LEU A 219 -2.34 -6.76 -17.31
C LEU A 219 -3.51 -7.27 -16.48
N LYS A 220 -3.29 -8.36 -15.75
CA LYS A 220 -4.39 -9.02 -15.04
C LYS A 220 -4.55 -8.50 -13.61
N HIS A 221 -3.43 -8.35 -12.88
N HIS A 221 -3.45 -8.43 -12.86
CA HIS A 221 -3.48 -8.17 -11.43
CA HIS A 221 -3.51 -8.06 -11.46
C HIS A 221 -2.16 -7.59 -10.96
C HIS A 221 -2.17 -7.50 -11.02
N VAL A 222 -2.23 -6.57 -10.09
CA VAL A 222 -1.06 -6.09 -9.36
C VAL A 222 -1.24 -6.59 -7.94
N GLN A 223 -0.48 -7.60 -7.56
CA GLN A 223 -0.77 -8.42 -6.39
C GLN A 223 0.31 -8.21 -5.32
N GLU A 224 -0.11 -8.12 -4.07
CA GLU A 224 0.80 -7.97 -2.95
C GLU A 224 0.81 -9.26 -2.13
N GLY A 225 1.96 -9.92 -2.09
CA GLY A 225 2.14 -11.12 -1.28
C GLY A 225 2.71 -10.80 0.08
N ASP A 226 3.11 -11.86 0.79
CA ASP A 226 3.68 -11.68 2.12
C ASP A 226 5.04 -11.02 2.08
N ASN A 227 5.80 -11.20 1.00
CA ASN A 227 7.12 -10.58 0.92
C ASN A 227 7.48 -10.15 -0.49
N TYR A 228 6.50 -9.96 -1.37
CA TYR A 228 6.77 -9.47 -2.72
C TYR A 228 5.51 -8.84 -3.29
N ILE A 229 5.71 -8.01 -4.32
CA ILE A 229 4.63 -7.52 -5.18
C ILE A 229 4.82 -8.14 -6.56
N SER A 230 3.72 -8.61 -7.14
CA SER A 230 3.80 -9.27 -8.44
C SER A 230 2.98 -8.52 -9.48
N PHE A 231 3.55 -8.39 -10.68
CA PHE A 231 2.81 -7.94 -11.86
C PHE A 231 2.41 -9.20 -12.64
N ASN A 232 1.11 -9.39 -12.85
CA ASN A 232 0.58 -10.58 -13.51
C ASN A 232 0.15 -10.19 -14.93
N VAL A 233 0.83 -10.73 -15.93
CA VAL A 233 0.63 -10.39 -17.33
C VAL A 233 0.34 -11.65 -18.12
N ILE A 234 -0.66 -11.58 -19.00
CA ILE A 234 -0.95 -12.64 -19.96
C ILE A 234 -0.63 -12.11 -21.35
N PHE A 235 0.20 -12.85 -22.09
CA PHE A 235 0.48 -12.55 -23.49
C PHE A 235 -0.38 -13.45 -24.37
N GLY A 236 -1.04 -12.87 -25.36
CA GLY A 236 -1.86 -13.64 -26.26
C GLY A 236 -1.05 -14.24 -27.39
N GLU A 237 -1.78 -14.85 -28.34
CA GLU A 237 -1.12 -15.45 -29.49
C GLU A 237 -0.44 -14.39 -30.35
N PHE A 238 0.63 -14.81 -31.02
CA PHE A 238 1.42 -13.97 -31.90
C PHE A 238 1.97 -14.82 -33.02
N LYS A 239 2.39 -14.18 -34.10
CA LYS A 239 2.96 -14.90 -35.23
C LYS A 239 4.43 -14.57 -35.47
N LYS A 240 4.78 -13.28 -35.46
CA LYS A 240 6.10 -12.85 -35.89
C LYS A 240 7.11 -12.87 -34.76
N HIS A 241 8.38 -12.87 -35.13
CA HIS A 241 9.47 -12.87 -34.16
C HIS A 241 9.71 -11.46 -33.64
N PHE A 242 10.00 -11.36 -32.34
CA PHE A 242 10.28 -10.06 -31.75
C PHE A 242 10.97 -10.24 -30.41
N ASN A 243 11.86 -9.31 -30.10
N ASN A 243 11.83 -9.28 -30.08
CA ASN A 243 12.57 -9.27 -28.82
CA ASN A 243 12.59 -9.26 -28.83
C ASN A 243 12.30 -7.93 -28.17
C ASN A 243 12.37 -7.93 -28.15
N LEU A 244 11.77 -7.95 -26.95
CA LEU A 244 11.43 -6.74 -26.20
C LEU A 244 12.15 -6.74 -24.87
N ALA A 245 12.89 -5.68 -24.59
CA ALA A 245 13.62 -5.51 -23.34
C ALA A 245 12.97 -4.42 -22.50
N CYS A 246 12.68 -4.72 -21.24
CA CYS A 246 12.12 -3.76 -20.30
C CYS A 246 13.02 -3.64 -19.09
N SER A 247 13.18 -2.41 -18.59
CA SER A 247 14.03 -2.11 -17.45
C SER A 247 13.18 -1.60 -16.30
N LEU A 248 13.33 -2.22 -15.12
CA LEU A 248 12.67 -1.78 -13.90
C LEU A 248 13.79 -1.37 -12.94
N ASP A 249 14.04 -0.07 -12.83
CA ASP A 249 15.30 0.46 -12.32
C ASP A 249 15.14 0.87 -10.86
N LEU A 250 15.81 0.15 -9.97
CA LEU A 250 15.98 0.56 -8.58
C LEU A 250 17.44 0.77 -8.21
N SER A 251 18.33 0.86 -9.21
CA SER A 251 19.75 1.02 -8.91
C SER A 251 20.05 2.33 -8.18
N ASP A 252 19.18 3.33 -8.33
CA ASP A 252 19.32 4.60 -7.63
C ASP A 252 18.40 4.72 -6.43
N PHE A 253 17.62 3.69 -6.12
CA PHE A 253 16.70 3.76 -4.98
C PHE A 253 17.47 3.60 -3.68
N GLN A 254 17.40 4.61 -2.83
CA GLN A 254 18.19 4.66 -1.61
C GLN A 254 17.39 4.14 -0.43
N GLN A 255 18.12 3.67 0.58
CA GLN A 255 17.51 3.13 1.79
C GLN A 255 18.54 3.24 2.90
N GLU A 256 18.24 4.07 3.89
CA GLU A 256 19.22 4.35 4.93
C GLU A 256 19.52 3.10 5.75
N PRO A 257 20.75 2.98 6.27
CA PRO A 257 21.82 3.97 6.10
C PRO A 257 22.74 3.73 4.90
N CYS A 258 22.66 2.56 4.26
CA CYS A 258 23.67 2.19 3.30
C CYS A 258 23.19 1.46 2.05
N ASN A 259 21.89 1.20 1.91
CA ASN A 259 21.44 0.26 0.89
C ASN A 259 21.10 0.95 -0.43
N LEU A 260 21.42 0.27 -1.53
CA LEU A 260 21.04 0.67 -2.87
C LEU A 260 20.51 -0.56 -3.61
N GLY A 261 19.51 -0.34 -4.47
CA GLY A 261 18.90 -1.42 -5.21
C GLY A 261 19.64 -1.73 -6.50
N LYS A 262 18.96 -2.50 -7.36
CA LYS A 262 19.51 -2.92 -8.64
C LYS A 262 18.49 -2.64 -9.75
N THR A 263 18.92 -2.88 -10.99
CA THR A 263 18.08 -2.70 -12.17
C THR A 263 17.65 -4.06 -12.69
N ALA A 264 16.34 -4.30 -12.69
CA ALA A 264 15.78 -5.53 -13.22
C ALA A 264 15.50 -5.37 -14.71
N ASN A 265 16.11 -6.22 -15.52
N ASN A 265 16.15 -6.19 -15.52
CA ASN A 265 15.95 -6.20 -16.97
CA ASN A 265 15.93 -6.20 -16.96
C ASN A 265 15.27 -7.50 -17.39
C ASN A 265 15.23 -7.50 -17.33
N ILE A 266 14.10 -7.37 -18.02
CA ILE A 266 13.34 -8.51 -18.50
C ILE A 266 13.40 -8.52 -20.01
N THR A 267 13.84 -9.63 -20.58
CA THR A 267 13.88 -9.80 -22.03
C THR A 267 12.75 -10.75 -22.42
N PHE A 268 11.77 -10.23 -23.15
CA PHE A 268 10.68 -11.04 -23.69
C PHE A 268 11.05 -11.49 -25.08
N ILE A 269 11.15 -12.80 -25.28
CA ILE A 269 11.44 -13.37 -26.59
C ILE A 269 10.14 -13.91 -27.16
N PHE A 270 9.67 -13.29 -28.24
CA PHE A 270 8.51 -13.76 -28.99
C PHE A 270 9.01 -14.52 -30.21
N SER A 271 8.87 -15.85 -30.21
CA SER A 271 9.37 -16.64 -31.31
C SER A 271 8.53 -17.89 -31.50
N LYS A 272 8.18 -18.18 -32.74
CA LYS A 272 7.55 -19.44 -33.11
C LYS A 272 8.52 -20.38 -33.84
N LEU A 273 9.83 -20.13 -33.70
CA LEU A 273 10.86 -20.89 -34.38
C LEU A 273 11.36 -22.03 -33.48
N GLU A 274 12.54 -22.57 -33.81
CA GLU A 274 13.14 -23.69 -33.09
C GLU A 274 12.20 -24.90 -33.07
N LYS B 9 -27.06 27.99 4.71
CA LYS B 9 -27.69 26.86 4.05
C LYS B 9 -29.18 26.80 4.38
N ASN B 10 -29.98 26.38 3.39
CA ASN B 10 -31.41 26.23 3.58
C ASN B 10 -31.73 24.96 4.38
N ILE B 11 -32.95 24.90 4.88
CA ILE B 11 -33.37 23.81 5.76
C ILE B 11 -34.68 23.20 5.29
N VAL B 13 -37.90 20.99 6.13
CA VAL B 13 -38.70 20.77 7.33
C VAL B 13 -39.89 19.85 7.08
N CYS B 14 -40.06 18.86 7.96
CA CYS B 14 -41.29 18.07 8.07
C CYS B 14 -41.92 18.43 9.41
N ASP B 15 -42.98 19.24 9.37
CA ASP B 15 -43.63 19.73 10.59
C ASP B 15 -44.98 19.01 10.72
N PHE B 16 -45.03 18.02 11.60
CA PHE B 16 -46.24 17.26 11.86
C PHE B 16 -47.07 17.83 13.01
N THR B 17 -46.69 18.99 13.55
CA THR B 17 -47.35 19.55 14.72
C THR B 17 -48.84 19.74 14.47
N ASP B 18 -49.66 19.14 15.34
CA ASP B 18 -51.11 19.28 15.32
C ASP B 18 -51.72 18.80 14.00
N LYS B 19 -51.09 17.80 13.38
CA LYS B 19 -51.63 17.21 12.16
C LYS B 19 -51.82 15.71 12.27
N LEU B 20 -51.52 15.10 13.41
CA LEU B 20 -51.78 13.70 13.69
C LEU B 20 -52.74 13.58 14.88
N ASN B 21 -53.78 14.41 14.88
CA ASN B 21 -54.66 14.57 16.03
C ASN B 21 -56.10 14.16 15.72
N PHE B 22 -56.29 13.16 14.86
CA PHE B 22 -57.64 12.75 14.52
C PHE B 22 -57.73 11.23 14.45
N LEU B 23 -58.94 10.72 14.65
CA LEU B 23 -59.22 9.30 14.49
C LEU B 23 -59.74 9.05 13.09
N PRO B 24 -58.97 8.42 12.21
CA PRO B 24 -59.47 8.16 10.85
C PRO B 24 -60.40 6.95 10.81
N LEU B 25 -61.15 6.86 9.71
CA LEU B 25 -62.02 5.71 9.50
C LEU B 25 -61.20 4.47 9.16
N GLU B 26 -60.19 4.61 8.32
CA GLU B 26 -59.32 3.50 7.92
C GLU B 26 -57.87 3.92 8.12
N LYS B 27 -56.98 2.94 7.97
CA LYS B 27 -55.54 3.17 8.16
C LYS B 27 -55.07 4.31 7.27
N THR B 28 -54.34 5.25 7.87
CA THR B 28 -53.94 6.49 7.21
C THR B 28 -52.49 6.78 7.54
N LYS B 29 -51.70 7.10 6.53
CA LYS B 29 -50.30 7.50 6.72
C LYS B 29 -50.09 8.87 6.10
N ILE B 30 -49.51 9.79 6.87
CA ILE B 30 -49.14 11.11 6.38
C ILE B 30 -47.63 11.13 6.17
N LEU B 31 -47.22 11.34 4.93
CA LEU B 31 -45.85 11.07 4.49
C LEU B 31 -45.15 12.36 4.10
N CYS B 32 -43.91 12.53 4.58
CA CYS B 32 -43.06 13.66 4.22
C CYS B 32 -41.76 13.09 3.67
N GLU B 33 -41.54 13.25 2.37
CA GLU B 33 -40.35 12.74 1.71
C GLU B 33 -39.35 13.87 1.49
N LEU B 34 -38.12 13.68 1.94
CA LEU B 34 -37.06 14.67 1.81
C LEU B 34 -35.94 14.10 0.97
N LYS B 35 -35.50 14.86 -0.01
CA LYS B 35 -34.36 14.50 -0.87
C LYS B 35 -33.35 15.64 -0.82
N PRO B 36 -32.62 15.75 0.29
CA PRO B 36 -31.72 16.90 0.47
C PRO B 36 -30.60 16.91 -0.54
N GLN B 37 -30.34 18.09 -1.10
CA GLN B 37 -29.35 18.21 -2.17
C GLN B 37 -28.20 19.12 -1.77
N TYR B 38 -28.35 20.42 -2.05
CA TYR B 38 -27.25 21.37 -1.95
C TYR B 38 -26.84 21.63 -0.50
N GLY B 39 -26.25 20.64 0.15
CA GLY B 39 -25.79 20.77 1.52
C GLY B 39 -26.87 21.19 2.50
N GLU B 40 -28.11 20.83 2.22
CA GLU B 40 -29.24 21.28 3.03
C GLU B 40 -29.33 20.47 4.33
N ASP B 41 -29.82 21.14 5.38
CA ASP B 41 -30.08 20.52 6.67
C ASP B 41 -31.56 20.13 6.77
N ILE B 42 -31.87 19.33 7.78
CA ILE B 42 -33.19 18.72 7.92
C ILE B 42 -33.69 18.92 9.36
N LYS B 43 -34.94 19.39 9.47
CA LYS B 43 -35.61 19.51 10.77
C LYS B 43 -36.93 18.76 10.72
N ILE B 44 -37.15 17.90 11.71
CA ILE B 44 -38.40 17.19 11.87
C ILE B 44 -39.01 17.64 13.19
N ILE B 45 -40.24 18.13 13.14
CA ILE B 45 -40.92 18.70 14.30
C ILE B 45 -42.26 18.00 14.48
N ALA B 46 -42.57 17.66 15.73
CA ALA B 46 -43.85 17.02 16.04
C ALA B 46 -44.17 17.25 17.51
N ASN B 47 -45.44 17.08 17.86
CA ASN B 47 -45.86 17.23 19.24
C ASN B 47 -45.09 16.29 20.15
N LYS B 48 -44.75 16.79 21.34
CA LYS B 48 -44.00 15.99 22.31
C LYS B 48 -44.71 14.69 22.65
N GLU B 49 -46.04 14.70 22.67
CA GLU B 49 -46.80 13.51 23.03
C GLU B 49 -46.80 12.45 21.94
N TYR B 50 -46.42 12.80 20.71
CA TYR B 50 -46.28 11.77 19.68
C TYR B 50 -45.08 10.89 20.00
N GLU B 51 -45.21 9.60 19.67
CA GLU B 51 -44.10 8.66 19.82
C GLU B 51 -43.28 8.69 18.54
N ILE B 52 -42.01 9.10 18.66
CA ILE B 52 -41.15 9.33 17.51
C ILE B 52 -39.94 8.41 17.59
N ASN B 53 -39.65 7.73 16.49
CA ASN B 53 -38.47 6.89 16.33
C ASN B 53 -37.73 7.42 15.11
N CYS B 54 -36.65 8.15 15.34
CA CYS B 54 -36.04 8.94 14.27
C CYS B 54 -34.56 9.14 14.56
N MET B 55 -33.73 8.88 13.55
CA MET B 55 -32.30 9.17 13.54
C MET B 55 -31.52 8.23 14.45
N ASN B 56 -31.75 8.27 15.77
CA ASN B 56 -31.13 7.27 16.63
C ASN B 56 -31.97 6.01 16.75
N ASN B 57 -33.07 5.92 15.99
CA ASN B 57 -33.96 4.77 16.03
C ASN B 57 -34.76 4.69 14.74
N SER B 58 -34.08 4.70 13.60
CA SER B 58 -34.70 4.79 12.30
C SER B 58 -34.65 3.44 11.57
N LYS B 59 -35.37 3.40 10.45
CA LYS B 59 -35.36 2.27 9.53
C LYS B 59 -34.45 2.66 8.36
N VAL B 60 -33.33 1.96 8.22
CA VAL B 60 -32.27 2.33 7.29
C VAL B 60 -32.15 1.27 6.20
N PHE B 61 -32.04 1.70 4.95
CA PHE B 61 -31.81 0.78 3.86
C PHE B 61 -30.37 0.30 3.85
N CYS B 62 -30.18 -0.98 3.56
CA CYS B 62 -28.86 -1.63 3.58
C CYS B 62 -28.59 -2.18 2.19
N PRO B 63 -27.90 -1.41 1.33
CA PRO B 63 -27.70 -1.87 -0.06
C PRO B 63 -27.01 -3.22 -0.16
N LEU B 64 -26.04 -3.49 0.72
CA LEU B 64 -25.27 -4.73 0.61
C LEU B 64 -26.15 -5.96 0.81
N LYS B 65 -27.07 -5.90 1.77
CA LYS B 65 -27.96 -7.01 2.06
C LYS B 65 -29.33 -6.88 1.38
N ASP B 66 -29.58 -5.74 0.71
CA ASP B 66 -30.83 -5.50 0.00
C ASP B 66 -32.04 -5.63 0.92
N THR B 67 -31.92 -5.14 2.15
CA THR B 67 -33.00 -5.16 3.12
C THR B 67 -33.00 -3.84 3.88
N PHE B 68 -33.97 -3.69 4.79
CA PHE B 68 -34.04 -2.57 5.71
C PHE B 68 -33.72 -3.06 7.12
N ILE B 69 -32.94 -2.27 7.85
CA ILE B 69 -32.64 -2.54 9.25
C ILE B 69 -33.50 -1.62 10.10
N ASN B 70 -34.27 -2.19 11.01
CA ASN B 70 -35.12 -1.41 11.89
C ASN B 70 -34.39 -1.03 13.17
N ASN B 71 -34.84 0.08 13.77
CA ASN B 71 -34.43 0.47 15.11
C ASN B 71 -32.91 0.61 15.22
N THR B 72 -32.33 1.40 14.32
CA THR B 72 -30.89 1.55 14.26
C THR B 72 -30.54 3.02 14.10
N ASN B 73 -29.30 3.35 14.47
CA ASN B 73 -28.80 4.72 14.42
C ASN B 73 -28.22 4.99 13.05
N ILE B 74 -28.64 6.10 12.42
CA ILE B 74 -28.19 6.42 11.08
C ILE B 74 -26.68 6.66 11.01
N LYS B 75 -26.04 6.98 12.14
CA LYS B 75 -24.60 7.20 12.13
C LYS B 75 -23.82 5.90 11.91
N LEU B 76 -24.45 4.74 12.14
CA LEU B 76 -23.78 3.47 11.83
C LEU B 76 -23.54 3.29 10.35
N TYR B 77 -24.26 4.03 9.50
CA TYR B 77 -24.20 3.86 8.06
C TYR B 77 -23.71 5.09 7.31
N SER B 78 -23.85 6.28 7.89
CA SER B 78 -23.24 7.51 7.37
C SER B 78 -22.61 8.19 8.58
N PRO B 79 -21.36 7.85 8.91
CA PRO B 79 -20.80 8.26 10.21
C PRO B 79 -20.56 9.75 10.35
N LYS B 80 -20.47 10.51 9.25
CA LYS B 80 -20.20 11.94 9.37
C LYS B 80 -21.46 12.76 9.65
N LEU B 81 -22.63 12.15 9.66
CA LEU B 81 -23.84 12.84 10.06
C LEU B 81 -23.83 13.10 11.56
N HIS B 82 -24.41 14.23 11.97
CA HIS B 82 -24.63 14.52 13.37
C HIS B 82 -25.98 15.19 13.55
N PHE B 83 -26.68 14.82 14.61
CA PHE B 83 -28.01 15.33 14.87
C PHE B 83 -28.20 15.55 16.36
N GLU B 84 -29.16 16.40 16.70
CA GLU B 84 -29.57 16.60 18.09
C GLU B 84 -31.08 16.51 18.18
N ILE B 85 -31.55 16.04 19.33
CA ILE B 85 -32.97 15.84 19.60
C ILE B 85 -33.30 16.67 20.84
N LYS B 86 -34.14 17.68 20.67
CA LYS B 86 -34.45 18.64 21.72
C LYS B 86 -35.94 18.76 21.92
N ASP B 87 -36.33 19.17 23.12
CA ASP B 87 -37.68 19.65 23.37
C ASP B 87 -37.72 21.15 23.10
N ILE B 88 -38.71 21.59 22.33
CA ILE B 88 -38.87 23.01 21.99
C ILE B 88 -40.34 23.37 22.13
N THR B 89 -40.59 24.68 22.18
CA THR B 89 -41.93 25.23 22.06
C THR B 89 -42.13 25.70 20.64
N HIS B 90 -43.22 25.26 20.01
CA HIS B 90 -43.43 25.49 18.59
C HIS B 90 -44.93 25.58 18.34
N LYS B 91 -45.37 26.67 17.73
CA LYS B 91 -46.78 26.92 17.45
C LYS B 91 -47.61 26.86 18.73
N GLY B 92 -47.03 27.27 19.85
CA GLY B 92 -47.72 27.25 21.13
C GLY B 92 -47.81 25.90 21.79
N LYS B 93 -47.13 24.88 21.28
CA LYS B 93 -47.21 23.53 21.82
C LYS B 93 -45.84 23.07 22.30
N ASN B 94 -45.86 22.08 23.18
CA ASN B 94 -44.64 21.35 23.54
C ASN B 94 -44.32 20.37 22.42
N ALA B 95 -43.18 20.56 21.77
CA ALA B 95 -42.81 19.78 20.60
C ALA B 95 -41.40 19.24 20.75
N ALA B 96 -41.11 18.22 19.95
CA ALA B 96 -39.77 17.65 19.85
C ALA B 96 -39.16 18.06 18.51
N LEU B 97 -37.87 18.39 18.54
CA LEU B 97 -37.14 18.80 17.35
C LEU B 97 -36.05 17.77 17.05
N TYR B 98 -36.07 17.24 15.84
CA TYR B 98 -35.03 16.35 15.33
C TYR B 98 -34.29 17.12 14.24
N TYR B 99 -33.04 17.51 14.54
CA TYR B 99 -32.27 18.45 13.74
C TYR B 99 -31.03 17.74 13.23
N LEU B 100 -31.01 17.42 11.92
CA LEU B 100 -29.91 16.70 11.30
C LEU B 100 -29.11 17.66 10.43
N LYS B 101 -27.81 17.75 10.69
CA LYS B 101 -26.91 18.59 9.91
C LYS B 101 -26.09 17.71 8.97
N ILE B 102 -26.09 18.05 7.69
CA ILE B 102 -25.50 17.23 6.63
C ILE B 102 -24.30 18.00 6.07
N ASP B 103 -23.10 17.57 6.45
CA ASP B 103 -21.89 18.20 5.93
C ASP B 103 -21.64 17.75 4.49
N GLU B 104 -20.75 18.48 3.82
CA GLU B 104 -20.47 18.23 2.41
C GLU B 104 -19.89 16.83 2.20
N GLU B 105 -19.11 16.32 3.16
CA GLU B 105 -18.44 15.04 3.02
C GLU B 105 -19.26 13.88 3.59
N ALA B 106 -20.50 14.12 4.00
CA ALA B 106 -21.34 13.05 4.49
C ALA B 106 -21.70 12.08 3.36
N SER B 107 -21.66 10.79 3.66
CA SER B 107 -21.92 9.76 2.67
C SER B 107 -23.42 9.46 2.58
N ASP B 108 -23.81 8.81 1.48
CA ASP B 108 -25.21 8.63 1.15
C ASP B 108 -25.92 7.69 2.12
N ILE B 109 -27.23 7.88 2.26
CA ILE B 109 -28.04 7.06 3.16
C ILE B 109 -29.50 7.25 2.81
N PHE B 110 -30.31 6.20 3.06
CA PHE B 110 -31.75 6.23 2.82
C PHE B 110 -32.42 5.67 4.07
N PHE B 111 -33.12 6.53 4.82
CA PHE B 111 -33.73 6.10 6.06
C PHE B 111 -35.11 6.74 6.22
N SER B 112 -35.89 6.17 7.14
CA SER B 112 -37.23 6.66 7.43
C SER B 112 -37.43 6.78 8.94
N CYS B 113 -38.34 7.67 9.32
CA CYS B 113 -38.72 7.92 10.70
C CYS B 113 -40.23 7.71 10.85
N SER B 114 -40.63 7.21 12.02
CA SER B 114 -42.04 6.97 12.32
C SER B 114 -42.51 7.92 13.42
N ILE B 115 -43.75 8.39 13.29
CA ILE B 115 -44.36 9.30 14.25
C ILE B 115 -45.77 8.79 14.52
N LYS B 116 -46.01 8.26 15.72
CA LYS B 116 -47.27 7.62 16.04
C LYS B 116 -47.98 8.39 17.14
N PRO B 117 -49.16 8.97 16.88
CA PRO B 117 -49.95 9.56 17.96
C PRO B 117 -50.57 8.48 18.84
N LYS B 118 -51.03 8.91 20.00
CA LYS B 118 -51.70 8.00 20.93
C LYS B 118 -53.21 8.04 20.70
N GLN B 119 -53.86 6.95 21.10
CA GLN B 119 -55.32 6.87 21.17
C GLN B 119 -55.99 7.06 19.80
N VAL B 120 -55.33 6.61 18.73
CA VAL B 120 -55.97 6.53 17.42
C VAL B 120 -56.23 5.08 17.01
N SER B 121 -56.16 4.16 17.98
CA SER B 121 -56.28 2.72 17.74
C SER B 121 -55.35 2.26 16.62
N GLY B 122 -54.16 2.88 16.58
CA GLY B 122 -53.14 2.54 15.61
C GLY B 122 -53.46 2.82 14.16
N LEU B 123 -54.53 3.56 13.88
CA LEU B 123 -54.94 3.79 12.49
C LEU B 123 -54.22 4.95 11.82
N LEU B 124 -53.55 5.83 12.58
CA LEU B 124 -52.92 7.02 12.01
C LEU B 124 -51.45 7.05 12.39
N GLU B 125 -50.59 7.25 11.39
CA GLU B 125 -49.15 7.34 11.61
CA GLU B 125 -49.16 7.35 11.62
C GLU B 125 -48.57 8.38 10.67
N GLY B 126 -47.53 9.06 11.14
CA GLY B 126 -46.74 9.94 10.30
C GLY B 126 -45.42 9.26 9.97
N GLU B 127 -44.89 9.57 8.78
CA GLU B 127 -43.63 8.97 8.34
C GLU B 127 -42.81 10.01 7.58
N VAL B 128 -41.52 10.10 7.92
CA VAL B 128 -40.55 10.90 7.19
C VAL B 128 -39.61 9.95 6.47
N ARG B 129 -39.33 10.22 5.20
CA ARG B 129 -38.33 9.48 4.43
CA ARG B 129 -38.33 9.48 4.43
C ARG B 129 -37.25 10.45 3.98
N VAL B 130 -36.01 10.16 4.34
CA VAL B 130 -34.86 10.98 3.97
C VAL B 130 -33.99 10.17 3.00
N ASN B 131 -33.87 10.68 1.78
CA ASN B 131 -33.06 10.03 0.74
C ASN B 131 -31.89 10.96 0.40
N LEU B 132 -30.73 10.67 0.99
CA LEU B 132 -29.52 11.45 0.72
C LEU B 132 -28.68 10.69 -0.29
N LYS B 133 -28.53 11.26 -1.48
CA LYS B 133 -27.80 10.61 -2.55
C LYS B 133 -27.38 11.66 -3.57
N LYS B 134 -26.44 11.27 -4.43
CA LYS B 134 -26.00 12.15 -5.49
C LYS B 134 -27.05 12.24 -6.58
N HIS B 135 -27.15 13.41 -7.21
CA HIS B 135 -28.10 13.62 -8.29
C HIS B 135 -27.47 14.07 -9.59
N ILE B 136 -26.21 14.48 -9.58
CA ILE B 136 -25.43 14.70 -10.79
C ILE B 136 -24.50 13.51 -10.94
N ASN B 137 -24.64 12.76 -12.04
CA ASN B 137 -23.79 11.60 -12.29
C ASN B 137 -22.93 11.75 -13.52
N GLU B 138 -22.84 12.95 -14.09
CA GLU B 138 -22.01 13.19 -15.27
C GLU B 138 -21.41 14.58 -15.17
N GLU B 139 -20.09 14.67 -15.30
CA GLU B 139 -19.39 15.95 -15.27
C GLU B 139 -18.26 15.93 -16.28
N TYR B 140 -17.81 17.12 -16.66
CA TYR B 140 -16.54 17.25 -17.36
C TYR B 140 -15.40 17.35 -16.36
N SER B 141 -14.20 17.02 -16.82
CA SER B 141 -13.02 17.13 -15.98
C SER B 141 -12.84 18.58 -15.52
N ILE B 142 -12.19 18.74 -14.37
CA ILE B 142 -12.00 20.04 -13.74
C ILE B 142 -10.52 20.36 -13.74
N PHE B 143 -10.16 21.56 -14.22
CA PHE B 143 -8.78 21.99 -14.25
C PHE B 143 -8.33 22.37 -12.85
N ASN B 144 -7.26 21.75 -12.38
CA ASN B 144 -6.67 22.09 -11.08
C ASN B 144 -5.54 23.08 -11.33
N GLU B 145 -5.78 24.35 -10.97
CA GLU B 145 -4.82 25.40 -11.25
C GLU B 145 -3.53 25.22 -10.45
N GLU B 146 -3.63 24.61 -9.26
CA GLU B 146 -2.44 24.40 -8.43
C GLU B 146 -1.50 23.40 -9.08
N GLU B 147 -1.98 22.19 -9.33
CA GLU B 147 -1.12 21.17 -9.94
CA GLU B 147 -1.18 21.14 -9.95
C GLU B 147 -1.07 21.27 -11.46
N ASP B 148 -1.80 22.22 -12.06
CA ASP B 148 -1.78 22.47 -13.51
C ASP B 148 -2.16 21.22 -14.30
N VAL B 149 -3.28 20.60 -13.91
CA VAL B 149 -3.73 19.36 -14.53
C VAL B 149 -5.25 19.33 -14.54
N HIS B 150 -5.81 18.61 -15.51
CA HIS B 150 -7.22 18.24 -15.47
C HIS B 150 -7.38 16.98 -14.63
N VAL B 151 -8.46 16.94 -13.85
CA VAL B 151 -8.70 15.88 -12.87
C VAL B 151 -10.10 15.33 -13.07
N CYS B 152 -10.20 14.00 -13.05
CA CYS B 152 -11.47 13.31 -12.87
C CYS B 152 -11.44 12.68 -11.48
N ASP B 153 -12.21 13.25 -10.55
CA ASP B 153 -12.13 12.88 -9.14
C ASP B 153 -13.29 11.93 -8.82
N PHE B 154 -12.96 10.64 -8.68
CA PHE B 154 -13.91 9.63 -8.26
C PHE B 154 -13.72 9.24 -6.79
N SER B 155 -13.02 10.06 -6.01
CA SER B 155 -12.75 9.76 -4.62
C SER B 155 -13.61 10.55 -3.66
N LYS B 156 -14.37 11.53 -4.15
CA LYS B 156 -15.23 12.36 -3.32
C LYS B 156 -16.16 13.14 -4.25
N GLY B 157 -17.14 13.82 -3.65
CA GLY B 157 -18.03 14.64 -4.43
C GLY B 157 -19.04 13.83 -5.25
N ASN B 158 -19.48 14.42 -6.36
CA ASN B 158 -20.58 13.85 -7.12
C ASN B 158 -20.22 12.50 -7.72
N LEU B 159 -18.98 12.36 -8.20
CA LEU B 159 -18.56 11.15 -8.90
C LEU B 159 -17.88 10.14 -7.98
N ASP B 160 -18.05 10.31 -6.66
CA ASP B 160 -17.44 9.40 -5.69
C ASP B 160 -17.91 7.97 -5.92
N ILE B 161 -16.97 7.04 -6.05
CA ILE B 161 -17.28 5.62 -6.17
C ILE B 161 -16.95 4.86 -4.90
N THR B 162 -16.57 5.55 -3.84
CA THR B 162 -16.33 4.90 -2.55
C THR B 162 -17.59 4.17 -2.11
N PRO B 163 -17.47 2.96 -1.55
CA PRO B 163 -18.64 2.25 -1.04
C PRO B 163 -19.43 3.09 -0.04
N SER B 164 -20.76 3.10 -0.21
CA SER B 164 -21.65 3.84 0.68
C SER B 164 -22.95 3.08 0.82
N ALA B 165 -23.80 3.55 1.73
CA ALA B 165 -25.12 2.97 1.95
C ALA B 165 -26.21 3.64 1.10
N GLY B 166 -25.82 4.29 0.01
CA GLY B 166 -26.80 5.01 -0.80
C GLY B 166 -27.76 4.09 -1.51
N PHE B 167 -29.01 4.54 -1.63
CA PHE B 167 -30.06 3.80 -2.32
C PHE B 167 -29.88 3.98 -3.82
N TYR B 168 -29.11 3.06 -4.42
CA TYR B 168 -28.93 3.00 -5.85
C TYR B 168 -29.37 1.62 -6.32
N LEU B 169 -30.22 1.59 -7.34
CA LEU B 169 -30.55 0.30 -7.94
C LEU B 169 -29.41 -0.15 -8.86
N LYS B 170 -29.39 -1.45 -9.15
CA LYS B 170 -28.19 -2.05 -9.75
C LYS B 170 -27.78 -1.38 -11.05
N ASN B 171 -28.74 -0.86 -11.82
CA ASN B 171 -28.42 -0.21 -13.09
C ASN B 171 -28.20 1.29 -12.94
N SER B 172 -28.09 1.78 -11.70
CA SER B 172 -27.96 3.21 -11.45
C SER B 172 -26.69 3.52 -10.65
N ARG B 173 -25.66 2.70 -10.80
CA ARG B 173 -24.41 2.90 -10.07
C ARG B 173 -23.30 3.46 -10.96
N ASN B 174 -23.65 3.97 -12.15
CA ASN B 174 -22.68 4.54 -13.06
C ASN B 174 -22.49 6.03 -12.78
N VAL B 175 -21.25 6.48 -12.72
CA VAL B 175 -20.91 7.89 -12.73
C VAL B 175 -19.92 8.12 -13.86
N SER B 176 -19.96 9.30 -14.45
CA SER B 176 -19.23 9.58 -15.68
C SER B 176 -18.46 10.88 -15.58
N CYS B 177 -17.20 10.85 -15.99
CA CYS B 177 -16.37 12.04 -16.14
C CYS B 177 -15.84 12.07 -17.56
N ILE B 178 -15.91 13.24 -18.20
CA ILE B 178 -15.50 13.42 -19.59
C ILE B 178 -14.27 14.30 -19.61
N TYR B 179 -13.19 13.78 -20.21
CA TYR B 179 -11.95 14.54 -20.37
C TYR B 179 -11.72 14.80 -21.86
N ARG B 180 -11.81 16.06 -22.25
CA ARG B 180 -11.42 16.47 -23.60
C ARG B 180 -9.90 16.52 -23.63
N VAL B 181 -9.29 15.51 -24.26
CA VAL B 181 -7.84 15.30 -24.14
C VAL B 181 -7.08 16.49 -24.69
N ILE B 182 -6.17 17.01 -23.89
CA ILE B 182 -5.25 18.08 -24.31
C ILE B 182 -3.89 17.44 -24.58
N PRO B 183 -3.34 17.54 -25.78
CA PRO B 183 -2.07 16.86 -26.08
C PRO B 183 -0.95 17.34 -25.18
N ASN B 184 -0.12 16.39 -24.74
CA ASN B 184 1.11 16.63 -23.98
C ASN B 184 0.84 17.15 -22.58
N LYS B 185 -0.38 17.03 -22.07
CA LYS B 185 -0.71 17.49 -20.73
C LYS B 185 -0.91 16.30 -19.80
N LEU B 186 -0.50 16.47 -18.55
CA LEU B 186 -0.73 15.47 -17.53
C LEU B 186 -2.20 15.47 -17.12
N PHE B 187 -2.76 14.28 -16.94
CA PHE B 187 -4.16 14.08 -16.56
C PHE B 187 -4.22 13.14 -15.36
N LEU B 188 -5.07 13.49 -14.40
CA LEU B 188 -5.14 12.77 -13.13
C LEU B 188 -6.51 12.11 -12.95
N ILE B 189 -6.51 10.83 -12.63
CA ILE B 189 -7.69 10.10 -12.20
C ILE B 189 -7.55 9.82 -10.71
N LYS B 190 -8.38 10.46 -9.89
CA LYS B 190 -8.34 10.25 -8.44
C LYS B 190 -9.39 9.24 -8.02
N LEU B 191 -8.99 8.27 -7.22
CA LEU B 191 -9.81 7.13 -6.85
C LEU B 191 -9.75 6.90 -5.35
N PRO B 192 -10.69 6.13 -4.79
CA PRO B 192 -10.67 5.87 -3.35
C PRO B 192 -9.38 5.17 -2.93
N LYS B 193 -9.02 5.36 -1.66
CA LYS B 193 -7.80 4.79 -1.10
C LYS B 193 -8.11 3.37 -0.63
N LEU B 194 -8.14 2.45 -1.59
CA LEU B 194 -8.45 1.05 -1.33
C LEU B 194 -7.46 0.17 -2.09
N ASP B 195 -7.15 -0.99 -1.51
CA ASP B 195 -6.21 -1.92 -2.14
C ASP B 195 -6.72 -2.36 -3.51
N ILE B 196 -8.03 -2.53 -3.66
CA ILE B 196 -8.61 -2.99 -4.92
C ILE B 196 -8.30 -2.05 -6.07
N VAL B 197 -8.03 -0.77 -5.77
CA VAL B 197 -7.79 0.21 -6.83
C VAL B 197 -6.53 -0.12 -7.60
N THR B 198 -5.43 -0.41 -6.90
CA THR B 198 -4.20 -0.75 -7.61
C THR B 198 -4.19 -2.20 -8.06
N GLU B 199 -4.90 -3.08 -7.33
CA GLU B 199 -4.92 -4.50 -7.69
C GLU B 199 -5.68 -4.74 -8.98
N LYS B 200 -6.81 -4.08 -9.16
CA LYS B 200 -7.71 -4.40 -10.27
C LYS B 200 -8.06 -3.21 -11.14
N LEU B 201 -8.28 -2.02 -10.54
CA LEU B 201 -8.68 -0.87 -11.34
C LEU B 201 -7.54 -0.35 -12.19
N LEU B 202 -6.29 -0.41 -11.69
CA LEU B 202 -5.18 0.00 -12.54
C LEU B 202 -4.99 -0.94 -13.72
N PRO B 203 -4.98 -2.27 -13.58
CA PRO B 203 -5.03 -3.12 -14.78
C PRO B 203 -6.16 -2.77 -15.71
N SER B 204 -7.32 -2.37 -15.17
CA SER B 204 -8.46 -2.04 -16.02
C SER B 204 -8.17 -0.84 -16.90
N ILE B 205 -7.63 0.24 -16.32
CA ILE B 205 -7.34 1.42 -17.12
C ILE B 205 -6.20 1.16 -18.09
N VAL B 206 -5.21 0.34 -17.69
CA VAL B 206 -4.10 0.05 -18.57
C VAL B 206 -4.58 -0.73 -19.79
N ASN B 207 -5.42 -1.75 -19.57
CA ASN B 207 -5.92 -2.54 -20.68
C ASN B 207 -6.84 -1.71 -21.58
N CYS B 208 -7.59 -0.78 -21.00
CA CYS B 208 -8.44 0.09 -21.79
C CYS B 208 -7.60 0.98 -22.71
N LEU B 209 -6.58 1.63 -22.16
CA LEU B 209 -5.77 2.58 -22.92
C LEU B 209 -4.87 1.89 -23.94
N SER B 210 -4.48 0.64 -23.68
CA SER B 210 -3.55 -0.07 -24.56
C SER B 210 -4.24 -0.81 -25.69
N GLU B 211 -5.58 -0.90 -25.69
CA GLU B 211 -6.27 -1.70 -26.70
C GLU B 211 -6.08 -1.15 -28.11
N PHE B 212 -6.19 0.16 -28.27
CA PHE B 212 -6.18 0.79 -29.59
C PHE B 212 -4.82 1.36 -29.95
N SER B 213 -4.31 0.98 -31.11
CA SER B 213 -2.94 1.31 -31.50
C SER B 213 -2.73 2.81 -31.69
N PHE B 214 -3.78 3.54 -32.06
CA PHE B 214 -3.66 4.97 -32.33
C PHE B 214 -3.73 5.84 -31.08
N ILE B 215 -3.97 5.28 -29.90
CA ILE B 215 -4.02 6.06 -28.67
C ILE B 215 -2.61 6.17 -28.12
N ASN B 216 -2.04 7.37 -28.12
CA ASN B 216 -0.72 7.59 -27.53
C ASN B 216 -0.89 8.03 -26.08
N PHE B 217 -0.34 7.26 -25.16
CA PHE B 217 -0.40 7.61 -23.75
C PHE B 217 0.88 7.16 -23.07
N THR B 218 1.15 7.76 -21.91
CA THR B 218 2.25 7.34 -21.04
C THR B 218 1.72 7.34 -19.61
N LEU B 219 1.81 6.20 -18.94
CA LEU B 219 1.48 6.13 -17.52
C LEU B 219 2.68 6.66 -16.74
N LYS B 220 2.49 7.78 -16.05
CA LYS B 220 3.62 8.44 -15.40
C LYS B 220 3.82 7.98 -13.96
N HIS B 221 2.75 7.79 -13.21
CA HIS B 221 2.87 7.57 -11.78
C HIS B 221 1.55 7.01 -11.25
N VAL B 222 1.66 6.13 -10.26
CA VAL B 222 0.52 5.70 -9.46
C VAL B 222 0.79 6.20 -8.04
N GLN B 223 0.06 7.23 -7.63
CA GLN B 223 0.39 8.02 -6.45
C GLN B 223 -0.65 7.80 -5.37
N GLU B 224 -0.19 7.70 -4.12
CA GLU B 224 -1.06 7.55 -2.96
C GLU B 224 -1.05 8.86 -2.19
N GLY B 225 -2.20 9.53 -2.13
CA GLY B 225 -2.35 10.76 -1.38
C GLY B 225 -2.86 10.51 0.03
N ASP B 226 -3.24 11.61 0.68
CA ASP B 226 -3.73 11.51 2.05
C ASP B 226 -5.07 10.78 2.12
N ASN B 227 -5.90 10.91 1.08
CA ASN B 227 -7.20 10.22 1.09
C ASN B 227 -7.61 9.76 -0.30
N TYR B 228 -6.69 9.58 -1.23
CA TYR B 228 -7.02 9.09 -2.55
C TYR B 228 -5.78 8.47 -3.18
N ILE B 229 -6.01 7.65 -4.20
CA ILE B 229 -4.98 7.14 -5.09
C ILE B 229 -5.21 7.76 -6.46
N SER B 230 -4.14 8.20 -7.11
CA SER B 230 -4.25 8.82 -8.42
C SER B 230 -3.49 8.04 -9.47
N PHE B 231 -4.10 7.91 -10.64
CA PHE B 231 -3.43 7.45 -11.85
C PHE B 231 -3.04 8.68 -12.65
N ASN B 232 -1.74 8.85 -12.90
CA ASN B 232 -1.22 10.03 -13.59
C ASN B 232 -0.84 9.62 -15.01
N VAL B 233 -1.56 10.15 -16.00
CA VAL B 233 -1.41 9.78 -17.40
C VAL B 233 -1.12 11.02 -18.22
N ILE B 234 -0.16 10.91 -19.13
CA ILE B 234 0.11 11.95 -20.11
C ILE B 234 -0.30 11.42 -21.47
N PHE B 235 -1.15 12.17 -22.18
CA PHE B 235 -1.50 11.86 -23.55
C PHE B 235 -0.66 12.74 -24.47
N GLY B 236 -0.04 12.12 -25.48
CA GLY B 236 0.76 12.83 -26.44
C GLY B 236 -0.09 13.39 -27.57
N GLU B 237 0.58 13.87 -28.60
CA GLU B 237 -0.10 14.40 -29.76
C GLU B 237 -0.93 13.28 -30.42
N PHE B 238 -2.00 13.67 -31.11
CA PHE B 238 -2.83 12.67 -31.76
C PHE B 238 -3.37 13.24 -33.06
N LYS B 239 -3.79 12.32 -33.93
CA LYS B 239 -4.36 12.63 -35.23
C LYS B 239 -5.80 12.18 -35.35
N LYS B 240 -6.11 10.98 -34.86
CA LYS B 240 -7.39 10.34 -35.13
C LYS B 240 -8.45 10.80 -34.14
N HIS B 241 -9.54 11.36 -34.67
N HIS B 241 -9.53 11.39 -34.67
CA HIS B 241 -10.70 11.69 -33.86
CA HIS B 241 -10.69 11.68 -33.85
C HIS B 241 -11.30 10.42 -33.29
C HIS B 241 -11.27 10.40 -33.28
N PHE B 242 -11.47 10.37 -31.97
CA PHE B 242 -11.94 9.15 -31.33
C PHE B 242 -12.53 9.45 -29.96
N ASN B 243 -13.46 8.60 -29.54
CA ASN B 243 -14.09 8.66 -28.23
CA ASN B 243 -14.12 8.66 -28.24
C ASN B 243 -13.88 7.33 -27.53
N LEU B 244 -13.08 7.33 -26.48
CA LEU B 244 -12.71 6.11 -25.75
C LEU B 244 -13.34 6.12 -24.37
N ALA B 245 -14.09 5.07 -24.05
CA ALA B 245 -14.75 4.91 -22.76
C ALA B 245 -14.05 3.81 -21.97
N CYS B 246 -13.69 4.12 -20.72
CA CYS B 246 -13.08 3.16 -19.83
C CYS B 246 -13.93 3.04 -18.57
N SER B 247 -14.08 1.81 -18.08
CA SER B 247 -14.91 1.52 -16.91
C SER B 247 -14.02 1.02 -15.78
N LEU B 248 -14.13 1.66 -14.61
CA LEU B 248 -13.43 1.24 -13.40
C LEU B 248 -14.49 0.87 -12.37
N ASP B 249 -14.75 -0.42 -12.21
CA ASP B 249 -15.98 -0.92 -11.62
C ASP B 249 -15.76 -1.29 -10.14
N LEU B 250 -16.40 -0.54 -9.25
CA LEU B 250 -16.52 -0.91 -7.85
C LEU B 250 -17.98 -1.12 -7.43
N SER B 251 -18.89 -1.22 -8.40
CA SER B 251 -20.31 -1.36 -8.06
C SER B 251 -20.60 -2.65 -7.31
N ASP B 252 -19.72 -3.64 -7.41
CA ASP B 252 -19.87 -4.89 -6.67
CA ASP B 252 -19.85 -4.89 -6.69
C ASP B 252 -18.91 -4.99 -5.49
N PHE B 253 -18.09 -3.97 -5.25
CA PHE B 253 -17.14 -4.01 -4.14
C PHE B 253 -17.90 -3.77 -2.83
N GLN B 254 -17.80 -4.73 -1.93
CA GLN B 254 -18.57 -4.75 -0.70
C GLN B 254 -17.77 -4.17 0.47
N GLN B 255 -18.50 -3.71 1.47
CA GLN B 255 -17.89 -3.14 2.67
C GLN B 255 -18.92 -3.24 3.79
N GLU B 256 -18.62 -4.04 4.80
CA GLU B 256 -19.59 -4.32 5.85
C GLU B 256 -19.92 -3.04 6.63
N PRO B 257 -21.14 -2.92 7.16
CA PRO B 257 -22.20 -3.93 7.03
C PRO B 257 -23.13 -3.74 5.82
N CYS B 258 -23.07 -2.58 5.15
CA CYS B 258 -24.11 -2.24 4.19
C CYS B 258 -23.62 -1.54 2.91
N ASN B 259 -22.31 -1.31 2.75
CA ASN B 259 -21.85 -0.42 1.70
C ASN B 259 -21.54 -1.14 0.39
N LEU B 260 -21.86 -0.47 -0.72
CA LEU B 260 -21.47 -0.89 -2.06
C LEU B 260 -20.96 0.32 -2.83
N GLY B 261 -19.97 0.08 -3.68
CA GLY B 261 -19.36 1.14 -4.46
C GLY B 261 -20.12 1.41 -5.74
N LYS B 262 -19.46 2.16 -6.63
CA LYS B 262 -20.04 2.55 -7.91
C LYS B 262 -19.07 2.24 -9.04
N THR B 263 -19.54 2.44 -10.27
CA THR B 263 -18.74 2.23 -11.47
C THR B 263 -18.31 3.58 -12.02
N ALA B 264 -17.00 3.80 -12.08
CA ALA B 264 -16.46 5.04 -12.63
C ALA B 264 -16.25 4.85 -14.13
N ASN B 265 -16.86 5.72 -14.92
CA ASN B 265 -16.75 5.70 -16.37
CA ASN B 265 -16.75 5.70 -16.37
C ASN B 265 -16.04 6.98 -16.80
N ILE B 266 -14.88 6.82 -17.43
CA ILE B 266 -14.11 7.94 -17.96
C ILE B 266 -14.23 7.91 -19.47
N THR B 267 -14.68 9.02 -20.04
CA THR B 267 -14.79 9.17 -21.48
C THR B 267 -13.69 10.11 -21.95
N PHE B 268 -12.76 9.58 -22.73
CA PHE B 268 -11.69 10.38 -23.33
C PHE B 268 -12.14 10.81 -24.73
N ILE B 269 -12.24 12.12 -24.94
CA ILE B 269 -12.60 12.65 -26.25
C ILE B 269 -11.32 13.16 -26.91
N PHE B 270 -10.91 12.48 -27.99
CA PHE B 270 -9.78 12.90 -28.81
C PHE B 270 -10.38 13.62 -30.01
N SER B 271 -10.19 14.93 -30.08
CA SER B 271 -10.82 15.73 -31.12
C SER B 271 -9.96 16.94 -31.45
N LYS B 272 -9.87 17.25 -32.73
CA LYS B 272 -9.22 18.47 -33.19
C LYS B 272 -10.25 19.53 -33.57
N GLN C 1 49.20 -25.91 0.14
CA GLN C 1 49.94 -25.62 1.36
C GLN C 1 51.43 -25.42 1.08
N VAL C 2 51.98 -24.32 1.59
CA VAL C 2 53.39 -24.00 1.38
C VAL C 2 54.24 -24.81 2.35
N GLN C 3 55.28 -25.46 1.83
CA GLN C 3 56.21 -26.25 2.63
C GLN C 3 57.58 -25.59 2.57
N LEU C 4 58.22 -25.47 3.74
CA LEU C 4 59.50 -24.80 3.87
C LEU C 4 60.48 -25.71 4.60
N GLN C 5 61.73 -25.72 4.14
CA GLN C 5 62.75 -26.62 4.68
C GLN C 5 64.09 -25.89 4.70
N GLU C 6 64.56 -25.53 5.90
CA GLU C 6 65.81 -24.82 6.08
C GLU C 6 66.93 -25.81 6.41
N SER C 7 68.15 -25.44 6.03
CA SER C 7 69.33 -26.22 6.37
C SER C 7 70.55 -25.30 6.34
N GLY C 8 71.66 -25.81 6.85
CA GLY C 8 72.94 -25.12 6.79
C GLY C 8 73.43 -24.55 8.10
N GLY C 9 72.63 -24.61 9.17
CA GLY C 9 73.07 -24.09 10.44
C GLY C 9 74.09 -24.97 11.12
N GLY C 10 74.70 -24.43 12.17
CA GLY C 10 75.67 -25.18 12.94
C GLY C 10 76.39 -24.26 13.91
N LEU C 11 77.47 -24.80 14.48
CA LEU C 11 78.33 -24.05 15.38
C LEU C 11 79.45 -23.38 14.60
N VAL C 12 79.66 -22.09 14.84
CA VAL C 12 80.68 -21.32 14.16
C VAL C 12 81.36 -20.42 15.18
N GLN C 13 82.63 -20.13 14.93
CA GLN C 13 83.36 -19.23 15.81
C GLN C 13 83.00 -17.78 15.51
N PRO C 14 83.08 -16.89 16.50
CA PRO C 14 82.83 -15.47 16.25
C PRO C 14 83.74 -14.93 15.17
N GLY C 15 83.16 -14.20 14.22
CA GLY C 15 83.87 -13.75 13.06
C GLY C 15 83.80 -14.69 11.87
N GLY C 16 83.32 -15.92 12.07
CA GLY C 16 83.24 -16.90 11.00
C GLY C 16 82.06 -16.67 10.08
N SER C 17 81.94 -17.58 9.10
CA SER C 17 80.92 -17.48 8.07
C SER C 17 80.07 -18.74 8.02
N LEU C 18 78.86 -18.57 7.50
CA LEU C 18 77.90 -19.66 7.37
C LEU C 18 76.91 -19.30 6.26
N ARG C 19 76.43 -20.32 5.55
CA ARG C 19 75.49 -20.14 4.46
C ARG C 19 74.26 -21.00 4.71
N LEU C 20 73.10 -20.37 4.82
CA LEU C 20 71.84 -21.06 5.04
C LEU C 20 71.09 -21.22 3.73
N SER C 21 70.35 -22.33 3.61
CA SER C 21 69.53 -22.62 2.44
C SER C 21 68.11 -22.92 2.88
N CYS C 22 67.16 -22.60 2.01
CA CYS C 22 65.74 -22.84 2.27
C CYS C 22 65.05 -23.21 0.98
N ALA C 23 64.45 -24.39 0.95
CA ALA C 23 63.66 -24.86 -0.18
C ALA C 23 62.18 -24.62 0.11
N ALA C 24 61.51 -23.92 -0.80
CA ALA C 24 60.10 -23.60 -0.66
C ALA C 24 59.30 -24.27 -1.76
N SER C 25 58.17 -24.87 -1.40
CA SER C 25 57.28 -25.50 -2.36
C SER C 25 55.84 -25.14 -1.99
N GLY C 26 54.93 -25.43 -2.91
CA GLY C 26 53.52 -25.18 -2.70
C GLY C 26 53.02 -23.83 -3.20
N SER C 27 53.91 -22.98 -3.69
CA SER C 27 53.52 -21.70 -4.25
C SER C 27 54.30 -21.45 -5.53
N ILE C 28 53.89 -20.43 -6.28
CA ILE C 28 54.63 -20.01 -7.47
C ILE C 28 55.79 -19.14 -6.97
N PHE C 29 56.96 -19.76 -6.82
CA PHE C 29 58.07 -19.14 -6.09
C PHE C 29 58.51 -17.83 -6.73
N SER C 30 58.64 -17.81 -8.06
CA SER C 30 59.24 -16.66 -8.73
C SER C 30 58.38 -15.40 -8.69
N THR C 31 57.11 -15.49 -8.28
CA THR C 31 56.27 -14.31 -8.17
C THR C 31 56.21 -13.76 -6.75
N ASN C 32 56.88 -14.39 -5.79
CA ASN C 32 56.77 -14.03 -4.39
C ASN C 32 58.07 -13.44 -3.85
N ALA C 33 57.93 -12.40 -3.03
CA ALA C 33 59.04 -11.99 -2.19
C ALA C 33 59.27 -13.05 -1.11
N MET C 34 60.53 -13.20 -0.71
CA MET C 34 60.92 -14.17 0.31
C MET C 34 61.77 -13.47 1.35
N GLY C 35 61.85 -14.09 2.53
CA GLY C 35 62.59 -13.49 3.62
C GLY C 35 63.17 -14.54 4.56
N TRP C 36 64.21 -14.11 5.29
CA TRP C 36 64.80 -14.90 6.36
C TRP C 36 64.41 -14.29 7.71
N TYR C 37 64.08 -15.16 8.66
CA TYR C 37 63.64 -14.79 9.99
C TYR C 37 64.49 -15.53 11.01
N ARG C 38 64.56 -15.00 12.23
CA ARG C 38 65.30 -15.67 13.29
C ARG C 38 64.68 -15.38 14.64
N GLN C 39 64.76 -16.35 15.54
CA GLN C 39 64.28 -16.20 16.91
C GLN C 39 65.26 -16.83 17.87
N ALA C 40 65.77 -16.04 18.80
CA ALA C 40 66.59 -16.50 19.91
C ALA C 40 65.73 -16.74 21.14
N PRO C 41 66.20 -17.54 22.10
CA PRO C 41 65.44 -17.73 23.34
C PRO C 41 65.18 -16.41 24.04
N GLY C 42 63.92 -16.21 24.43
CA GLY C 42 63.52 -15.01 25.13
C GLY C 42 63.38 -13.76 24.28
N LYS C 43 63.57 -13.86 22.97
CA LYS C 43 63.38 -12.73 22.07
C LYS C 43 62.25 -13.04 21.10
N GLN C 44 61.66 -12.00 20.53
CA GLN C 44 60.63 -12.23 19.53
C GLN C 44 61.27 -12.52 18.18
N ARG C 45 60.58 -13.31 17.37
CA ARG C 45 61.04 -13.59 16.02
C ARG C 45 61.14 -12.29 15.22
N GLU C 46 62.24 -12.12 14.51
CA GLU C 46 62.47 -10.91 13.75
C GLU C 46 62.79 -11.23 12.30
N GLN C 47 62.25 -10.40 11.40
CA GLN C 47 62.59 -10.49 9.99
C GLN C 47 63.98 -9.90 9.80
N VAL C 48 64.89 -10.69 9.23
CA VAL C 48 66.30 -10.33 9.16
C VAL C 48 66.69 -9.81 7.77
N ALA C 49 66.12 -10.39 6.73
CA ALA C 49 66.43 -10.00 5.36
C ALA C 49 65.27 -10.40 4.47
N THR C 50 64.99 -9.57 3.46
CA THR C 50 63.95 -9.87 2.49
C THR C 50 64.50 -9.66 1.08
N ILE C 51 63.86 -10.33 0.13
CA ILE C 51 64.25 -10.21 -1.27
C ILE C 51 62.98 -10.29 -2.12
N THR C 52 62.76 -9.28 -2.96
CA THR C 52 61.56 -9.24 -3.78
C THR C 52 61.68 -10.26 -4.91
N SER C 53 60.56 -10.45 -5.63
CA SER C 53 60.59 -11.30 -6.81
C SER C 53 61.59 -10.78 -7.84
N GLY C 54 61.82 -9.47 -7.83
CA GLY C 54 62.80 -8.81 -8.68
C GLY C 54 64.17 -8.65 -8.06
N SER C 55 64.44 -9.34 -6.96
CA SER C 55 65.75 -9.42 -6.32
C SER C 55 66.19 -8.13 -5.65
N SER C 56 65.27 -7.26 -5.28
CA SER C 56 65.61 -6.12 -4.42
C SER C 56 65.71 -6.61 -2.98
N THR C 57 66.79 -6.23 -2.30
CA THR C 57 67.07 -6.74 -0.97
C THR C 57 66.90 -5.64 0.09
N ASN C 58 66.63 -6.09 1.32
CA ASN C 58 66.53 -5.21 2.47
C ASN C 58 66.97 -6.00 3.71
N TYR C 59 67.59 -5.31 4.66
CA TYR C 59 68.21 -5.99 5.80
C TYR C 59 67.91 -5.26 7.09
N ALA C 60 67.86 -6.03 8.18
CA ALA C 60 67.86 -5.45 9.51
C ALA C 60 69.15 -4.68 9.75
N ASP C 61 69.05 -3.57 10.48
CA ASP C 61 70.21 -2.71 10.70
C ASP C 61 71.37 -3.46 11.33
N SER C 62 71.09 -4.45 12.18
CA SER C 62 72.13 -5.17 12.90
C SER C 62 72.90 -6.15 12.02
N VAL C 63 72.42 -6.47 10.82
CA VAL C 63 73.10 -7.39 9.93
C VAL C 63 73.54 -6.75 8.63
N LYS C 64 73.27 -5.45 8.43
CA LYS C 64 73.65 -4.78 7.20
C LYS C 64 75.16 -4.85 7.00
N GLY C 65 75.57 -5.23 5.80
CA GLY C 65 76.97 -5.39 5.48
C GLY C 65 77.58 -6.71 5.86
N ARG C 66 76.91 -7.53 6.66
CA ARG C 66 77.40 -8.83 7.05
C ARG C 66 76.60 -9.99 6.46
N PHE C 67 75.30 -9.81 6.26
CA PHE C 67 74.44 -10.83 5.68
C PHE C 67 74.11 -10.47 4.24
N THR C 68 73.95 -11.49 3.40
CA THR C 68 73.52 -11.32 2.01
C THR C 68 72.45 -12.34 1.70
N ILE C 69 71.28 -11.88 1.26
CA ILE C 69 70.19 -12.77 0.87
C ILE C 69 70.17 -12.87 -0.65
N SER C 70 69.90 -14.07 -1.16
CA SER C 70 69.84 -14.30 -2.59
C SER C 70 68.80 -15.38 -2.85
N ARG C 71 68.42 -15.53 -4.12
CA ARG C 71 67.40 -16.48 -4.50
C ARG C 71 67.80 -17.16 -5.80
N ASP C 72 67.35 -18.40 -5.96
CA ASP C 72 67.52 -19.17 -7.19
C ASP C 72 66.12 -19.59 -7.63
N ASN C 73 65.55 -18.88 -8.59
CA ASN C 73 64.19 -19.16 -9.04
C ASN C 73 64.07 -20.53 -9.67
N ALA C 74 65.15 -21.02 -10.29
CA ALA C 74 65.09 -22.33 -10.94
C ALA C 74 64.95 -23.46 -9.92
N LYS C 75 65.42 -23.25 -8.69
CA LYS C 75 65.38 -24.27 -7.65
C LYS C 75 64.40 -23.95 -6.53
N ASN C 76 63.68 -22.82 -6.60
CA ASN C 76 62.74 -22.42 -5.55
C ASN C 76 63.44 -22.34 -4.20
N THR C 77 64.66 -21.80 -4.18
CA THR C 77 65.46 -21.76 -2.97
C THR C 77 65.88 -20.34 -2.64
N VAL C 78 65.94 -20.05 -1.34
CA VAL C 78 66.45 -18.79 -0.81
C VAL C 78 67.72 -19.09 -0.02
N TYR C 79 68.69 -18.19 -0.09
CA TYR C 79 69.97 -18.37 0.58
C TYR C 79 70.27 -17.18 1.48
N LEU C 80 70.99 -17.44 2.57
CA LEU C 80 71.45 -16.40 3.48
C LEU C 80 72.93 -16.61 3.76
N GLN C 81 73.78 -15.79 3.14
CA GLN C 81 75.21 -15.81 3.39
C GLN C 81 75.52 -14.89 4.57
N MET C 82 76.08 -15.47 5.62
CA MET C 82 76.35 -14.74 6.87
C MET C 82 77.85 -14.71 7.11
N ASN C 83 78.45 -13.53 7.00
CA ASN C 83 79.86 -13.32 7.32
C ASN C 83 79.98 -12.53 8.62
N SER C 84 81.19 -12.55 9.18
CA SER C 84 81.51 -11.81 10.41
C SER C 84 80.47 -12.04 11.50
N LEU C 85 80.20 -13.32 11.76
CA LEU C 85 79.13 -13.69 12.68
C LEU C 85 79.48 -13.29 14.11
N LYS C 86 78.46 -12.86 14.85
CA LYS C 86 78.56 -12.41 16.23
C LYS C 86 77.75 -13.32 17.13
N PRO C 87 78.08 -13.38 18.43
CA PRO C 87 77.25 -14.16 19.35
C PRO C 87 75.79 -13.73 19.35
N GLU C 88 75.51 -12.44 19.17
CA GLU C 88 74.13 -11.94 19.08
C GLU C 88 73.37 -12.53 17.89
N ASP C 89 74.06 -13.15 16.93
CA ASP C 89 73.42 -13.78 15.80
C ASP C 89 72.93 -15.19 16.10
N THR C 90 73.21 -15.71 17.29
CA THR C 90 72.74 -17.04 17.67
C THR C 90 71.21 -17.05 17.74
N ALA C 91 70.60 -17.96 16.98
CA ALA C 91 69.14 -18.06 16.90
C ALA C 91 68.80 -19.26 16.03
N VAL C 92 67.53 -19.62 16.04
CA VAL C 92 66.96 -20.53 15.04
C VAL C 92 66.51 -19.67 13.86
N TYR C 93 66.94 -20.04 12.66
CA TYR C 93 66.68 -19.27 11.46
C TYR C 93 65.63 -19.96 10.61
N TYR C 94 64.63 -19.20 10.18
CA TYR C 94 63.52 -19.69 9.36
C TYR C 94 63.41 -18.84 8.10
N CYS C 95 62.92 -19.46 7.03
CA CYS C 95 62.56 -18.69 5.86
C CYS C 95 61.07 -18.86 5.58
N ASN C 96 60.51 -17.88 4.87
CA ASN C 96 59.09 -17.86 4.56
C ASN C 96 58.88 -16.78 3.50
N ALA C 97 57.62 -16.59 3.12
CA ALA C 97 57.29 -15.47 2.25
C ALA C 97 57.60 -14.15 2.95
N ALA C 98 57.80 -13.12 2.15
CA ALA C 98 57.90 -11.75 2.64
C ALA C 98 57.11 -10.87 1.69
N GLY C 99 57.29 -9.55 1.82
CA GLY C 99 56.59 -8.58 0.98
C GLY C 99 55.72 -7.63 1.77
N ALA C 100 55.30 -6.53 1.14
CA ALA C 100 54.44 -5.57 1.83
C ALA C 100 53.02 -6.09 1.99
N THR C 101 52.53 -6.84 1.00
CA THR C 101 51.21 -7.47 1.06
C THR C 101 51.40 -8.94 0.69
N ILE C 102 50.96 -9.83 1.57
CA ILE C 102 51.17 -11.26 1.39
C ILE C 102 49.83 -11.97 1.46
N ASP C 103 49.51 -12.76 0.44
CA ASP C 103 48.36 -13.66 0.53
C ASP C 103 48.62 -14.70 1.63
N LEU C 104 47.64 -14.84 2.52
CA LEU C 104 47.77 -15.81 3.62
C LEU C 104 48.08 -17.20 3.10
N ALA C 105 47.54 -17.55 1.92
CA ALA C 105 47.81 -18.86 1.33
C ALA C 105 49.27 -19.03 0.92
N ASP C 106 50.01 -17.92 0.76
CA ASP C 106 51.42 -17.99 0.41
C ASP C 106 52.34 -18.00 1.63
N PHE C 107 51.83 -17.64 2.80
CA PHE C 107 52.63 -17.66 4.02
C PHE C 107 52.49 -19.04 4.65
N GLY C 108 53.54 -19.85 4.54
CA GLY C 108 53.46 -21.22 5.01
C GLY C 108 53.56 -21.32 6.51
N SER C 109 52.99 -22.41 7.04
CA SER C 109 53.29 -22.79 8.41
C SER C 109 54.80 -22.93 8.56
N TRP C 110 55.33 -22.38 9.65
CA TRP C 110 56.77 -22.32 9.85
C TRP C 110 57.40 -23.71 9.74
N GLY C 111 58.53 -23.77 9.04
CA GLY C 111 59.31 -24.98 8.98
C GLY C 111 60.02 -25.24 10.30
N GLN C 112 60.84 -26.31 10.29
CA GLN C 112 61.60 -26.65 11.50
C GLN C 112 62.67 -25.63 11.82
N GLY C 113 63.15 -24.89 10.81
CA GLY C 113 64.23 -23.95 11.04
C GLY C 113 65.57 -24.64 11.19
N THR C 114 66.64 -23.84 11.24
CA THR C 114 67.99 -24.37 11.42
C THR C 114 68.72 -23.53 12.47
N GLN C 115 69.37 -24.22 13.40
CA GLN C 115 70.01 -23.55 14.54
C GLN C 115 71.39 -23.03 14.15
N VAL C 116 71.65 -21.77 14.49
CA VAL C 116 72.95 -21.14 14.31
C VAL C 116 73.46 -20.76 15.70
N THR C 117 74.63 -21.29 16.07
CA THR C 117 75.25 -20.98 17.36
C THR C 117 76.63 -20.38 17.10
N VAL C 118 76.82 -19.14 17.52
CA VAL C 118 78.09 -18.44 17.39
C VAL C 118 78.71 -18.32 18.78
N SER C 119 79.75 -19.13 19.04
CA SER C 119 80.44 -19.09 20.31
C SER C 119 81.84 -19.65 20.14
N SER C 120 82.74 -19.24 21.04
CA SER C 120 84.11 -19.76 21.02
C SER C 120 84.18 -21.14 21.64
N HIS C 121 83.40 -21.38 22.68
CA HIS C 121 83.45 -22.65 23.42
C HIS C 121 82.08 -23.34 23.42
N GLN D 1 -49.05 26.49 0.98
CA GLN D 1 -49.77 25.80 2.04
C GLN D 1 -51.25 25.69 1.71
N VAL D 2 -51.83 24.54 2.02
CA VAL D 2 -53.25 24.30 1.73
C VAL D 2 -54.10 25.11 2.71
N GLN D 3 -55.09 25.81 2.18
CA GLN D 3 -55.99 26.65 2.96
C GLN D 3 -57.39 26.07 2.94
N LEU D 4 -58.02 26.01 4.09
CA LEU D 4 -59.32 25.39 4.26
C LEU D 4 -60.28 26.38 4.91
N GLN D 5 -61.51 26.40 4.43
CA GLN D 5 -62.51 27.37 4.87
C GLN D 5 -63.87 26.70 4.91
N GLU D 6 -64.37 26.42 6.11
CA GLU D 6 -65.66 25.77 6.30
C GLU D 6 -66.75 26.80 6.58
N SER D 7 -67.98 26.45 6.17
CA SER D 7 -69.15 27.27 6.46
C SER D 7 -70.38 26.39 6.40
N GLY D 8 -71.50 26.94 6.86
CA GLY D 8 -72.79 26.30 6.78
C GLY D 8 -73.33 25.77 8.09
N GLY D 9 -72.56 25.83 9.17
CA GLY D 9 -73.02 25.36 10.45
C GLY D 9 -74.01 26.30 11.12
N GLY D 10 -74.63 25.81 12.19
CA GLY D 10 -75.55 26.62 12.94
C GLY D 10 -76.31 25.79 13.95
N LEU D 11 -77.34 26.41 14.52
CA LEU D 11 -78.24 25.74 15.46
C LEU D 11 -79.41 25.14 14.70
N VAL D 12 -79.70 23.87 14.98
CA VAL D 12 -80.79 23.15 14.33
C VAL D 12 -81.49 22.27 15.36
N GLN D 13 -82.78 22.05 15.15
CA GLN D 13 -83.54 21.16 16.02
C GLN D 13 -83.26 19.71 15.67
N PRO D 14 -83.38 18.81 16.65
CA PRO D 14 -83.18 17.38 16.37
C PRO D 14 -84.11 16.87 15.27
N GLY D 15 -83.53 16.12 14.34
CA GLY D 15 -84.23 15.65 13.17
C GLY D 15 -84.10 16.55 11.95
N GLY D 16 -83.57 17.76 12.12
CA GLY D 16 -83.43 18.68 11.01
C GLY D 16 -82.25 18.35 10.12
N SER D 17 -82.06 19.20 9.11
CA SER D 17 -81.03 19.02 8.10
C SER D 17 -80.13 20.25 8.03
N LEU D 18 -78.91 20.03 7.56
CA LEU D 18 -77.91 21.08 7.45
C LEU D 18 -76.91 20.67 6.37
N ARG D 19 -76.39 21.66 5.66
CA ARG D 19 -75.42 21.43 4.58
C ARG D 19 -74.16 22.24 4.83
N LEU D 20 -73.04 21.53 4.98
CA LEU D 20 -71.76 22.18 5.21
C LEU D 20 -70.98 22.29 3.90
N SER D 21 -70.21 23.36 3.79
CA SER D 21 -69.36 23.60 2.64
C SER D 21 -67.93 23.87 3.10
N CYS D 22 -66.97 23.49 2.26
CA CYS D 22 -65.56 23.70 2.55
C CYS D 22 -64.83 24.04 1.27
N ALA D 23 -64.20 25.20 1.22
CA ALA D 23 -63.38 25.62 0.10
C ALA D 23 -61.93 25.33 0.39
N ALA D 24 -61.27 24.59 -0.49
CA ALA D 24 -59.87 24.22 -0.34
C ALA D 24 -59.05 24.82 -1.47
N SER D 25 -57.90 25.39 -1.13
CA SER D 25 -56.98 25.95 -2.11
C SER D 25 -55.56 25.55 -1.74
N GLY D 26 -54.63 25.75 -2.67
CA GLY D 26 -53.23 25.47 -2.43
C GLY D 26 -52.77 24.11 -2.87
N SER D 27 -53.66 23.26 -3.38
CA SER D 27 -53.29 21.95 -3.89
C SER D 27 -54.07 21.70 -5.17
N ILE D 28 -53.68 20.64 -5.89
CA ILE D 28 -54.42 20.19 -7.06
C ILE D 28 -55.60 19.38 -6.55
N PHE D 29 -56.75 20.05 -6.43
CA PHE D 29 -57.89 19.50 -5.69
C PHE D 29 -58.38 18.19 -6.30
N SER D 30 -58.48 18.13 -7.63
CA SER D 30 -59.13 16.99 -8.27
C SER D 30 -58.34 15.69 -8.18
N THR D 31 -57.07 15.74 -7.74
CA THR D 31 -56.28 14.54 -7.56
C THR D 31 -56.23 14.06 -6.12
N ASN D 32 -56.89 14.77 -5.19
CA ASN D 32 -56.77 14.47 -3.77
C ASN D 32 -58.08 13.94 -3.22
N ALA D 33 -57.98 12.95 -2.35
CA ALA D 33 -59.11 12.58 -1.51
C ALA D 33 -59.34 13.67 -0.46
N MET D 34 -60.60 13.87 -0.10
CA MET D 34 -60.99 14.87 0.89
C MET D 34 -61.87 14.22 1.95
N GLY D 35 -61.94 14.86 3.12
CA GLY D 35 -62.72 14.30 4.21
C GLY D 35 -63.28 15.39 5.10
N TRP D 36 -64.35 15.03 5.80
CA TRP D 36 -64.94 15.87 6.84
C TRP D 36 -64.62 15.30 8.21
N TYR D 37 -64.28 16.18 9.14
CA TYR D 37 -63.90 15.82 10.49
C TYR D 37 -64.74 16.61 11.46
N ARG D 38 -64.87 16.11 12.69
CA ARG D 38 -65.62 16.83 13.69
C ARG D 38 -65.01 16.58 15.06
N GLN D 39 -65.15 17.56 15.94
CA GLN D 39 -64.63 17.46 17.30
C GLN D 39 -65.72 17.92 18.25
N ALA D 40 -66.14 17.04 19.13
CA ALA D 40 -67.12 17.30 20.17
C ALA D 40 -66.41 17.73 21.44
N PRO D 41 -67.11 18.37 22.37
CA PRO D 41 -66.47 18.76 23.63
C PRO D 41 -65.85 17.57 24.34
N GLY D 42 -64.58 17.72 24.71
CA GLY D 42 -63.87 16.69 25.45
C GLY D 42 -63.47 15.47 24.66
N LYS D 43 -63.71 15.44 23.35
CA LYS D 43 -63.31 14.32 22.51
C LYS D 43 -62.28 14.76 21.48
N GLN D 44 -61.59 13.77 20.93
CA GLN D 44 -60.63 14.03 19.86
C GLN D 44 -61.37 14.17 18.53
N ARG D 45 -60.77 14.94 17.64
CA ARG D 45 -61.32 15.11 16.31
C ARG D 45 -61.43 13.75 15.62
N GLU D 46 -62.57 13.50 14.98
CA GLU D 46 -62.83 12.22 14.34
C GLU D 46 -63.18 12.42 12.87
N GLN D 47 -62.68 11.54 12.04
CA GLN D 47 -63.02 11.52 10.62
C GLN D 47 -64.42 10.96 10.43
N VAL D 48 -65.29 11.74 9.81
CA VAL D 48 -66.71 11.41 9.71
C VAL D 48 -67.07 10.85 8.34
N ALA D 49 -66.45 11.37 7.29
CA ALA D 49 -66.75 10.94 5.93
C ALA D 49 -65.55 11.27 5.05
N THR D 50 -65.28 10.40 4.08
CA THR D 50 -64.21 10.64 3.12
C THR D 50 -64.74 10.41 1.71
N ILE D 51 -64.06 11.02 0.75
CA ILE D 51 -64.41 10.87 -0.66
C ILE D 51 -63.12 10.88 -1.47
N THR D 52 -62.90 9.83 -2.26
CA THR D 52 -61.67 9.75 -3.04
C THR D 52 -61.73 10.73 -4.22
N SER D 53 -60.60 10.85 -4.91
CA SER D 53 -60.58 11.65 -6.13
C SER D 53 -61.56 11.11 -7.17
N GLY D 54 -61.86 9.82 -7.13
CA GLY D 54 -62.85 9.19 -7.98
C GLY D 54 -64.24 9.13 -7.40
N SER D 55 -64.50 9.86 -6.31
CA SER D 55 -65.83 10.02 -5.72
C SER D 55 -66.33 8.76 -5.01
N SER D 56 -65.43 7.87 -4.61
CA SER D 56 -65.81 6.77 -3.73
C SER D 56 -65.91 7.27 -2.30
N THR D 57 -67.00 6.95 -1.62
CA THR D 57 -67.29 7.50 -0.31
C THR D 57 -67.19 6.43 0.78
N ASN D 58 -66.94 6.91 2.00
CA ASN D 58 -66.91 6.06 3.19
C ASN D 58 -67.35 6.90 4.38
N TYR D 59 -68.02 6.27 5.33
CA TYR D 59 -68.65 7.00 6.43
C TYR D 59 -68.41 6.30 7.75
N ALA D 60 -68.37 7.09 8.82
CA ALA D 60 -68.43 6.52 10.16
C ALA D 60 -69.77 5.82 10.35
N ASP D 61 -69.75 4.72 11.10
CA ASP D 61 -70.95 3.91 11.28
C ASP D 61 -72.08 4.72 11.90
N SER D 62 -71.77 5.70 12.75
CA SER D 62 -72.79 6.45 13.46
C SER D 62 -73.51 7.47 12.58
N VAL D 63 -72.99 7.78 11.40
CA VAL D 63 -73.62 8.73 10.50
C VAL D 63 -74.04 8.10 9.18
N LYS D 64 -73.76 6.81 8.98
CA LYS D 64 -74.11 6.15 7.73
C LYS D 64 -75.61 6.19 7.51
N GLY D 65 -76.02 6.55 6.30
CA GLY D 65 -77.42 6.69 5.95
C GLY D 65 -78.02 8.04 6.30
N ARG D 66 -77.34 8.86 7.10
CA ARG D 66 -77.80 10.19 7.42
C ARG D 66 -76.96 11.29 6.80
N PHE D 67 -75.64 11.08 6.65
CA PHE D 67 -74.75 12.05 6.06
C PHE D 67 -74.38 11.63 4.64
N THR D 68 -74.15 12.62 3.78
CA THR D 68 -73.70 12.40 2.41
C THR D 68 -72.59 13.37 2.10
N ILE D 69 -71.42 12.86 1.71
CA ILE D 69 -70.29 13.69 1.32
C ILE D 69 -70.23 13.73 -0.20
N SER D 70 -69.94 14.91 -0.74
CA SER D 70 -69.84 15.10 -2.19
C SER D 70 -68.78 16.16 -2.46
N ARG D 71 -68.38 16.25 -3.72
CA ARG D 71 -67.33 17.19 -4.10
C ARG D 71 -67.68 17.83 -5.43
N ASP D 72 -67.22 19.07 -5.59
CA ASP D 72 -67.33 19.83 -6.83
C ASP D 72 -65.91 20.21 -7.23
N ASN D 73 -65.33 19.45 -8.17
CA ASN D 73 -63.95 19.69 -8.57
C ASN D 73 -63.77 21.04 -9.23
N ALA D 74 -64.81 21.55 -9.91
CA ALA D 74 -64.68 22.83 -10.59
C ALA D 74 -64.54 23.99 -9.61
N LYS D 75 -65.09 23.85 -8.41
CA LYS D 75 -65.03 24.90 -7.41
C LYS D 75 -64.08 24.60 -6.26
N ASN D 76 -63.41 23.44 -6.29
CA ASN D 76 -62.50 23.03 -5.21
C ASN D 76 -63.22 23.01 -3.87
N THR D 77 -64.45 22.52 -3.85
CA THR D 77 -65.29 22.53 -2.66
C THR D 77 -65.75 21.12 -2.31
N VAL D 78 -65.84 20.86 -1.01
CA VAL D 78 -66.38 19.61 -0.47
C VAL D 78 -67.65 19.95 0.30
N TYR D 79 -68.64 19.08 0.24
CA TYR D 79 -69.93 19.30 0.90
C TYR D 79 -70.27 18.13 1.81
N LEU D 80 -71.01 18.43 2.88
CA LEU D 80 -71.51 17.42 3.80
C LEU D 80 -73.00 17.70 4.05
N GLN D 81 -73.86 16.90 3.43
CA GLN D 81 -75.29 17.00 3.65
C GLN D 81 -75.66 16.14 4.86
N MET D 82 -76.21 16.77 5.89
CA MET D 82 -76.51 16.09 7.16
C MET D 82 -78.02 16.12 7.37
N ASN D 83 -78.65 14.95 7.26
CA ASN D 83 -80.07 14.80 7.55
C ASN D 83 -80.26 14.04 8.85
N SER D 84 -81.49 14.12 9.37
CA SER D 84 -81.88 13.41 10.60
C SER D 84 -80.86 13.65 11.72
N LEU D 85 -80.57 14.93 11.97
CA LEU D 85 -79.52 15.28 12.91
C LEU D 85 -79.90 14.91 14.34
N LYS D 86 -78.89 14.46 15.09
CA LYS D 86 -79.03 14.02 16.47
C LYS D 86 -78.21 14.91 17.38
N PRO D 87 -78.55 14.98 18.67
CA PRO D 87 -77.70 15.73 19.61
C PRO D 87 -76.26 15.25 19.63
N GLU D 88 -76.03 13.95 19.46
CA GLU D 88 -74.68 13.41 19.39
C GLU D 88 -73.88 13.96 18.22
N ASP D 89 -74.53 14.60 17.25
CA ASP D 89 -73.84 15.21 16.12
C ASP D 89 -73.32 16.61 16.43
N THR D 90 -73.60 17.15 17.61
CA THR D 90 -73.10 18.47 17.98
C THR D 90 -71.58 18.45 18.06
N ALA D 91 -70.94 19.32 17.28
CA ALA D 91 -69.48 19.36 17.21
C ALA D 91 -69.08 20.53 16.33
N VAL D 92 -67.79 20.86 16.35
CA VAL D 92 -67.19 21.73 15.35
C VAL D 92 -66.70 20.86 14.20
N TYR D 93 -67.11 21.18 12.98
CA TYR D 93 -66.83 20.37 11.81
C TYR D 93 -65.73 21.01 10.98
N TYR D 94 -64.74 20.20 10.59
CA TYR D 94 -63.61 20.65 9.79
C TYR D 94 -63.51 19.76 8.55
N CYS D 95 -62.99 20.32 7.47
CA CYS D 95 -62.63 19.53 6.30
C CYS D 95 -61.13 19.64 6.05
N ASN D 96 -60.59 18.64 5.38
CA ASN D 96 -59.15 18.56 5.10
C ASN D 96 -58.94 17.45 4.07
N ALA D 97 -57.67 17.22 3.73
CA ALA D 97 -57.35 16.07 2.91
C ALA D 97 -57.72 14.79 3.64
N ALA D 98 -57.93 13.73 2.86
CA ALA D 98 -58.11 12.38 3.40
C ALA D 98 -57.32 11.43 2.51
N GLY D 99 -57.56 10.13 2.68
CA GLY D 99 -56.89 9.12 1.89
C GLY D 99 -56.03 8.19 2.73
N ALA D 100 -55.63 7.05 2.14
CA ALA D 100 -54.79 6.09 2.86
C ALA D 100 -53.36 6.59 3.01
N THR D 101 -52.85 7.30 2.01
CA THR D 101 -51.52 7.91 2.08
C THR D 101 -51.65 9.36 1.66
N ILE D 102 -51.19 10.27 2.51
CA ILE D 102 -51.34 11.70 2.29
C ILE D 102 -49.97 12.35 2.36
N ASP D 103 -49.61 13.10 1.33
CA ASP D 103 -48.44 13.96 1.40
C ASP D 103 -48.67 15.03 2.46
N LEU D 104 -47.70 15.19 3.36
CA LEU D 104 -47.83 16.19 4.42
C LEU D 104 -48.10 17.58 3.84
N ALA D 105 -47.54 17.88 2.67
CA ALA D 105 -47.78 19.16 2.02
C ALA D 105 -49.23 19.35 1.58
N ASP D 106 -49.98 18.25 1.43
CA ASP D 106 -51.38 18.35 1.07
C ASP D 106 -52.32 18.41 2.27
N PHE D 107 -51.84 18.07 3.45
CA PHE D 107 -52.65 18.13 4.67
C PHE D 107 -52.50 19.51 5.28
N GLY D 108 -53.54 20.34 5.14
CA GLY D 108 -53.45 21.71 5.58
C GLY D 108 -53.57 21.87 7.08
N SER D 109 -52.99 22.97 7.58
CA SER D 109 -53.31 23.40 8.94
C SER D 109 -54.82 23.56 9.06
N TRP D 110 -55.37 23.07 10.16
CA TRP D 110 -56.82 23.05 10.34
C TRP D 110 -57.39 24.46 10.19
N GLY D 111 -58.50 24.56 9.47
CA GLY D 111 -59.22 25.80 9.35
C GLY D 111 -59.96 26.15 10.63
N GLN D 112 -60.74 27.24 10.56
CA GLN D 112 -61.51 27.68 11.71
C GLN D 112 -62.62 26.68 12.06
N GLY D 113 -63.09 25.92 11.07
CA GLY D 113 -64.21 25.02 11.30
C GLY D 113 -65.53 25.75 11.39
N THR D 114 -66.63 25.00 11.43
CA THR D 114 -67.96 25.58 11.55
C THR D 114 -68.74 24.83 12.61
N GLN D 115 -69.41 25.57 13.49
CA GLN D 115 -70.07 24.99 14.64
C GLN D 115 -71.43 24.43 14.26
N VAL D 116 -71.70 23.20 14.67
CA VAL D 116 -73.00 22.56 14.50
C VAL D 116 -73.56 22.23 15.87
N THR D 117 -74.72 22.79 16.20
CA THR D 117 -75.38 22.55 17.47
C THR D 117 -76.77 21.97 17.21
N VAL D 118 -77.00 20.75 17.68
CA VAL D 118 -78.30 20.11 17.58
C VAL D 118 -78.90 20.16 18.98
N SER D 119 -79.85 21.08 19.18
CA SER D 119 -80.50 21.29 20.46
C SER D 119 -81.21 20.04 20.98
#